data_2WDZ
#
_entry.id   2WDZ
#
_cell.length_a   60.720
_cell.length_b   113.620
_cell.length_c   256.925
_cell.angle_alpha   90.00
_cell.angle_beta   90.00
_cell.angle_gamma   90.00
#
_symmetry.space_group_name_H-M   'C 2 2 21'
#
loop_
_entity.id
_entity.type
_entity.pdbx_description
1 polymer 'SHORT-CHAIN DEHYDROGENASE/REDUCTASE'
2 non-polymer 'MAGNESIUM ION'
3 non-polymer NICOTINAMIDE-ADENINE-DINUCLEOTIDE
4 non-polymer (2S)-pentane-1,2-diol
5 water water
#
_entity_poly.entity_id   1
_entity_poly.type   'polypeptide(L)'
_entity_poly.pdbx_seq_one_letter_code
;MDYRTVFRLDGACAAVTGAGSGIGLEICRAFAASGARLILIDREAAALDRAAQELGAAVAARIVADVTDAEAMTAAAAEA
EAVAPVSILVNSAGIARLHDALETDDATWRQVMAVNVDGMFWASRAFGRAMVARGAGAIVNLGSMSGTIVNRPQFASSYM
ASKGAVHQLTRALAAEWAGRGVRVNALAPGYVATEMTLKMRERPELFETWLDMTPMGRCGEPSEIAAAALFLASPAASYV
TGAILAVDGGYTVW
;
_entity_poly.pdbx_strand_id   A,B,C,D
#
loop_
_chem_comp.id
_chem_comp.type
_chem_comp.name
_chem_comp.formula
1SP non-polymer (2S)-pentane-1,2-diol 'C5 H12 O2'
MG non-polymer 'MAGNESIUM ION' 'Mg 2'
NAD non-polymer NICOTINAMIDE-ADENINE-DINUCLEOTIDE 'C21 H27 N7 O14 P2'
#
# COMPACT_ATOMS: atom_id res chain seq x y z
N MET A 1 10.88 11.89 25.08
CA MET A 1 9.94 10.83 25.54
C MET A 1 8.45 11.18 25.33
N ASP A 2 7.81 10.60 24.31
CA ASP A 2 6.38 10.88 24.01
C ASP A 2 5.40 9.69 24.19
N TYR A 3 4.77 9.66 25.36
CA TYR A 3 3.93 8.57 25.76
C TYR A 3 2.64 8.49 24.95
N ARG A 4 2.30 9.60 24.30
CA ARG A 4 1.05 9.63 23.55
C ARG A 4 1.20 8.94 22.22
N THR A 5 2.42 8.76 21.76
CA THR A 5 2.63 8.08 20.50
C THR A 5 3.66 6.92 20.59
N VAL A 6 4.07 6.57 21.81
CA VAL A 6 5.06 5.50 22.02
C VAL A 6 4.57 4.16 21.46
N PHE A 7 3.25 3.94 21.47
CA PHE A 7 2.67 2.70 21.00
C PHE A 7 2.42 2.72 19.48
N ARG A 8 2.78 3.79 18.78
CA ARG A 8 2.51 3.91 17.34
C ARG A 8 3.55 3.15 16.53
N LEU A 9 3.18 2.83 15.29
CA LEU A 9 4.13 2.18 14.40
C LEU A 9 4.43 3.04 13.14
N ASP A 10 4.50 4.36 13.31
CA ASP A 10 4.57 5.22 12.14
C ASP A 10 5.80 4.98 11.33
N GLY A 11 5.62 4.90 10.02
CA GLY A 11 6.70 4.57 9.09
C GLY A 11 7.26 3.17 9.17
N ALA A 12 6.62 2.25 9.93
CA ALA A 12 7.10 0.86 9.89
C ALA A 12 6.38 0.02 8.83
N CYS A 13 7.04 -1.07 8.44
CA CYS A 13 6.43 -2.04 7.57
C CYS A 13 6.46 -3.36 8.28
N ALA A 14 5.27 -3.91 8.55
CA ALA A 14 5.16 -5.16 9.25
C ALA A 14 4.67 -6.30 8.34
N ALA A 15 5.33 -7.45 8.46
CA ALA A 15 4.92 -8.70 7.78
C ALA A 15 4.15 -9.50 8.80
N VAL A 16 2.93 -9.96 8.44
CA VAL A 16 2.07 -10.80 9.27
C VAL A 16 1.68 -12.10 8.53
N THR A 17 2.10 -13.23 9.08
CA THR A 17 1.66 -14.54 8.57
C THR A 17 0.33 -14.86 9.27
N GLY A 18 -0.54 -15.63 8.63
CA GLY A 18 -1.89 -15.87 9.11
C GLY A 18 -2.78 -14.68 9.05
N ALA A 19 -2.51 -13.78 8.09
CA ALA A 19 -3.14 -12.49 8.02
C ALA A 19 -4.60 -12.65 7.61
N GLY A 20 -4.92 -13.80 7.00
CA GLY A 20 -6.22 -14.02 6.40
C GLY A 20 -7.38 -14.24 7.37
N SER A 21 -7.08 -14.58 8.62
CA SER A 21 -8.16 -14.95 9.52
C SER A 21 -7.83 -14.63 10.98
N GLY A 22 -8.88 -14.59 11.80
CA GLY A 22 -8.74 -14.52 13.25
C GLY A 22 -7.74 -13.50 13.78
N ILE A 23 -6.83 -13.95 14.60
CA ILE A 23 -6.00 -13.06 15.35
C ILE A 23 -5.01 -12.32 14.42
N GLY A 24 -4.50 -13.02 13.42
CA GLY A 24 -3.57 -12.43 12.41
C GLY A 24 -4.21 -11.24 11.70
N LEU A 25 -5.44 -11.41 11.23
CA LEU A 25 -6.21 -10.27 10.66
C LEU A 25 -6.46 -9.07 11.59
N GLU A 26 -6.87 -9.35 12.83
CA GLU A 26 -7.10 -8.29 13.81
C GLU A 26 -5.80 -7.53 14.09
N ILE A 27 -4.71 -8.26 14.15
CA ILE A 27 -3.42 -7.65 14.28
C ILE A 27 -3.14 -6.69 13.13
N CYS A 28 -3.37 -7.13 11.92
CA CYS A 28 -3.18 -6.23 10.72
C CYS A 28 -3.98 -4.91 10.88
N ARG A 29 -5.24 -5.05 11.30
CA ARG A 29 -6.11 -3.92 11.56
C ARG A 29 -5.50 -2.99 12.57
N ALA A 30 -5.10 -3.58 13.69
CA ALA A 30 -4.38 -2.85 14.77
C ALA A 30 -3.14 -2.11 14.26
N PHE A 31 -2.40 -2.78 13.40
CA PHE A 31 -1.13 -2.19 12.93
C PHE A 31 -1.42 -1.12 11.90
N ALA A 32 -2.37 -1.40 11.01
CA ALA A 32 -2.87 -0.44 10.02
C ALA A 32 -3.24 0.85 10.74
N ALA A 33 -4.03 0.69 11.81
CA ALA A 33 -4.52 1.85 12.57
C ALA A 33 -3.42 2.60 13.34
N SER A 34 -2.29 1.94 13.63
CA SER A 34 -1.13 2.55 14.30
C SER A 34 -0.10 3.08 13.32
N GLY A 35 -0.48 3.18 12.06
CA GLY A 35 0.37 3.82 11.08
C GLY A 35 1.38 2.97 10.34
N ALA A 36 1.31 1.65 10.48
CA ALA A 36 2.23 0.72 9.78
C ALA A 36 1.78 0.33 8.37
N ARG A 37 2.72 -0.05 7.50
CA ARG A 37 2.33 -0.72 6.27
C ARG A 37 2.49 -2.21 6.40
N LEU A 38 1.71 -2.97 5.61
CA LEU A 38 1.50 -4.40 5.78
C LEU A 38 1.90 -5.26 4.60
N ILE A 39 2.62 -6.23 4.89
CA ILE A 39 2.91 -7.36 4.03
C ILE A 39 2.05 -8.54 4.53
N LEU A 40 1.11 -8.93 3.84
CA LEU A 40 0.18 -9.98 4.24
C LEU A 40 0.51 -11.35 3.68
N ILE A 41 0.54 -12.33 4.56
CA ILE A 41 0.96 -13.67 4.19
C ILE A 41 0.02 -14.70 4.74
N ASP A 42 -0.53 -15.53 3.83
CA ASP A 42 -1.40 -16.64 4.19
C ASP A 42 -1.34 -17.68 3.07
N ARG A 43 -1.48 -18.97 3.42
CA ARG A 43 -1.64 -19.98 2.37
C ARG A 43 -3.00 -19.90 1.67
N GLU A 44 -3.98 -19.28 2.29
CA GLU A 44 -5.31 -19.15 1.68
C GLU A 44 -5.47 -17.86 0.89
N ALA A 45 -5.39 -17.99 -0.43
CA ALA A 45 -5.52 -16.84 -1.35
C ALA A 45 -6.84 -16.06 -1.18
N ALA A 46 -7.93 -16.81 -1.02
CA ALA A 46 -9.26 -16.22 -0.83
C ALA A 46 -9.31 -15.31 0.39
N ALA A 47 -8.82 -15.82 1.53
CA ALA A 47 -8.76 -15.07 2.79
C ALA A 47 -7.88 -13.83 2.67
N LEU A 48 -6.72 -13.98 2.01
CA LEU A 48 -5.84 -12.83 1.71
C LEU A 48 -6.50 -11.66 0.99
N ASP A 49 -7.26 -11.90 -0.10
CA ASP A 49 -7.86 -10.76 -0.82
C ASP A 49 -8.91 -10.08 0.02
N ARG A 50 -9.62 -10.87 0.82
CA ARG A 50 -10.59 -10.30 1.75
C ARG A 50 -9.86 -9.41 2.75
N ALA A 51 -8.82 -9.95 3.39
CA ALA A 51 -7.98 -9.15 4.27
C ALA A 51 -7.56 -7.85 3.58
N ALA A 52 -6.97 -7.96 2.39
CA ALA A 52 -6.41 -6.80 1.64
C ALA A 52 -7.44 -5.77 1.19
N GLN A 53 -8.58 -6.28 0.71
CA GLN A 53 -9.73 -5.45 0.35
C GLN A 53 -10.24 -4.61 1.53
N GLU A 54 -10.11 -5.17 2.73
CA GLU A 54 -10.59 -4.50 3.93
C GLU A 54 -9.58 -3.51 4.46
N LEU A 55 -8.31 -3.90 4.43
CA LEU A 55 -7.24 -3.01 4.93
C LEU A 55 -6.98 -1.75 4.07
N GLY A 56 -7.21 -1.85 2.75
CA GLY A 56 -7.03 -0.70 1.89
C GLY A 56 -5.56 -0.36 1.64
N ALA A 57 -5.22 0.91 1.81
CA ALA A 57 -3.95 1.49 1.38
C ALA A 57 -2.81 1.07 2.29
N ALA A 58 -3.16 0.49 3.44
CA ALA A 58 -2.14 0.07 4.40
C ALA A 58 -1.34 -1.14 3.89
N VAL A 59 -1.84 -1.78 2.83
CA VAL A 59 -1.30 -3.02 2.27
C VAL A 59 -0.25 -2.73 1.22
N ALA A 60 0.99 -3.12 1.52
CA ALA A 60 2.09 -2.93 0.59
C ALA A 60 2.25 -4.18 -0.28
N ALA A 61 1.96 -5.36 0.28
CA ALA A 61 1.92 -6.57 -0.54
C ALA A 61 1.06 -7.60 0.10
N ARG A 62 0.65 -8.54 -0.73
CA ARG A 62 -0.02 -9.71 -0.23
C ARG A 62 0.63 -10.90 -0.92
N ILE A 63 1.05 -11.78 -0.23
CA ILE A 63 1.82 -12.91 -0.68
C ILE A 63 1.13 -14.17 -0.26
N VAL A 64 0.63 -15.02 -1.14
CA VAL A 64 0.17 -16.39 -0.92
C VAL A 64 1.43 -17.22 -0.72
N ALA A 65 1.53 -17.86 0.43
CA ALA A 65 2.68 -18.68 0.80
C ALA A 65 2.30 -19.62 1.94
N ASP A 66 2.82 -20.84 1.85
CA ASP A 66 2.75 -21.82 2.92
C ASP A 66 3.97 -21.61 3.79
N VAL A 67 3.77 -21.28 5.07
CA VAL A 67 4.88 -21.07 5.96
C VAL A 67 5.75 -22.32 6.16
N THR A 68 5.23 -23.53 5.93
CA THR A 68 6.07 -24.72 6.10
C THR A 68 7.15 -24.93 5.02
N ASP A 69 6.98 -24.24 3.89
CA ASP A 69 7.90 -24.25 2.76
C ASP A 69 8.95 -23.18 3.01
N ALA A 70 10.09 -23.59 3.54
CA ALA A 70 11.24 -22.73 3.82
C ALA A 70 11.68 -21.85 2.65
N GLU A 71 11.76 -22.42 1.46
CA GLU A 71 12.20 -21.61 0.33
C GLU A 71 11.15 -20.57 -0.10
N ALA A 72 9.86 -20.83 0.11
CA ALA A 72 8.86 -19.79 -0.04
C ALA A 72 8.90 -18.64 0.98
N MET A 73 9.29 -18.91 2.23
CA MET A 73 9.43 -17.82 3.21
C MET A 73 10.60 -16.92 2.87
N THR A 74 11.72 -17.53 2.51
CA THR A 74 12.88 -16.81 2.06
C THR A 74 12.54 -15.86 0.85
N ALA A 75 11.82 -16.38 -0.12
CA ALA A 75 11.45 -15.61 -1.30
C ALA A 75 10.50 -14.48 -0.86
N ALA A 76 9.56 -14.83 0.02
CA ALA A 76 8.60 -13.86 0.54
C ALA A 76 9.32 -12.72 1.23
N ALA A 77 10.32 -12.98 2.05
CA ALA A 77 11.17 -11.92 2.66
C ALA A 77 11.90 -11.07 1.62
N ALA A 78 12.43 -11.72 0.60
CA ALA A 78 13.07 -11.04 -0.54
C ALA A 78 12.08 -10.09 -1.22
N GLU A 79 10.92 -10.61 -1.57
CA GLU A 79 9.84 -9.78 -2.18
C GLU A 79 9.49 -8.64 -1.27
N ALA A 80 9.27 -8.94 0.02
CA ALA A 80 8.82 -7.90 0.92
C ALA A 80 9.84 -6.80 1.12
N GLU A 81 11.12 -7.16 1.28
CA GLU A 81 12.20 -6.20 1.51
C GLU A 81 12.38 -5.26 0.30
N ALA A 82 11.99 -5.79 -0.86
CA ALA A 82 12.06 -5.00 -2.10
C ALA A 82 11.02 -3.88 -2.17
N VAL A 83 9.85 -4.10 -1.56
CA VAL A 83 8.78 -3.08 -1.44
C VAL A 83 9.13 -2.06 -0.34
N ALA A 84 9.40 -2.55 0.89
CA ALA A 84 9.84 -1.67 1.96
C ALA A 84 10.65 -2.48 2.98
N PRO A 85 11.70 -1.90 3.57
CA PRO A 85 12.36 -2.66 4.66
C PRO A 85 11.38 -3.13 5.77
N VAL A 86 11.36 -4.43 6.07
CA VAL A 86 10.39 -5.04 7.01
C VAL A 86 11.02 -4.94 8.40
N SER A 87 10.41 -4.19 9.32
CA SER A 87 10.99 -4.01 10.68
C SER A 87 10.18 -4.75 11.76
N ILE A 88 9.05 -5.27 11.43
CA ILE A 88 8.19 -6.03 12.34
C ILE A 88 7.81 -7.33 11.64
N LEU A 89 7.77 -8.43 12.31
CA LEU A 89 7.22 -9.73 11.85
C LEU A 89 6.26 -10.29 12.91
N VAL A 90 5.04 -10.60 12.49
CA VAL A 90 4.14 -11.35 13.35
C VAL A 90 3.90 -12.77 12.80
N ASN A 91 4.31 -13.78 13.57
CA ASN A 91 4.12 -15.19 13.19
C ASN A 91 2.81 -15.66 13.78
N SER A 92 1.72 -15.50 13.04
CA SER A 92 0.37 -15.85 13.51
C SER A 92 -0.18 -17.14 12.83
N ALA A 93 0.33 -17.50 11.64
CA ALA A 93 -0.02 -18.77 10.95
C ALA A 93 0.08 -19.95 11.92
N GLY A 94 -1.02 -20.67 12.12
CA GLY A 94 -0.96 -21.81 13.01
C GLY A 94 -2.21 -22.66 12.93
N ILE A 95 -2.23 -23.90 13.42
CA ILE A 95 -3.31 -24.87 13.46
C ILE A 95 -3.45 -25.65 14.78
N ALA A 96 -4.62 -26.13 14.93
CA ALA A 96 -4.91 -27.04 16.04
C ALA A 96 -5.67 -28.26 15.54
N ARG A 97 -5.31 -29.46 16.00
CA ARG A 97 -6.06 -30.64 15.59
C ARG A 97 -6.33 -31.45 16.85
N LEU A 98 -7.57 -31.81 17.13
CA LEU A 98 -7.79 -32.66 18.34
C LEU A 98 -7.43 -34.09 18.01
N HIS A 99 -6.71 -34.74 18.93
CA HIS A 99 -6.42 -36.14 18.79
C HIS A 99 -6.09 -36.75 20.16
N ASP A 100 -6.51 -38.00 20.37
CA ASP A 100 -6.11 -38.79 21.53
C ASP A 100 -4.71 -39.34 21.27
N ALA A 101 -3.81 -39.29 22.26
CA ALA A 101 -2.41 -39.63 22.01
C ALA A 101 -2.27 -41.05 21.44
N LEU A 102 -2.97 -42.00 22.05
CA LEU A 102 -2.85 -43.36 21.59
C LEU A 102 -3.40 -43.60 20.16
N GLU A 103 -4.36 -42.79 19.73
CA GLU A 103 -4.95 -42.84 18.37
C GLU A 103 -4.53 -41.59 17.53
N THR A 104 -3.24 -41.38 17.39
CA THR A 104 -2.73 -40.24 16.69
C THR A 104 -2.13 -40.70 15.38
N ASP A 105 -2.58 -40.18 14.23
CA ASP A 105 -1.79 -40.47 13.02
C ASP A 105 -0.53 -39.64 12.97
N ASP A 106 0.52 -40.27 12.50
CA ASP A 106 1.80 -39.67 12.38
C ASP A 106 1.68 -38.32 11.69
N ALA A 107 0.76 -38.25 10.71
CA ALA A 107 0.68 -37.10 9.82
C ALA A 107 0.14 -35.89 10.55
N THR A 108 -0.78 -36.15 11.47
CA THR A 108 -1.36 -35.07 12.28
C THR A 108 -0.26 -34.47 13.14
N TRP A 109 0.54 -35.31 13.82
CA TRP A 109 1.60 -34.84 14.69
C TRP A 109 2.55 -33.95 13.90
N ARG A 110 3.03 -34.54 12.80
CA ARG A 110 3.95 -33.91 11.86
CA ARG A 110 3.97 -33.92 11.87
C ARG A 110 3.51 -32.55 11.33
N GLN A 111 2.25 -32.46 10.94
CA GLN A 111 1.71 -31.26 10.32
C GLN A 111 1.49 -30.07 11.31
N VAL A 112 1.01 -30.38 12.52
CA VAL A 112 0.88 -29.37 13.58
C VAL A 112 2.26 -28.79 13.95
N MET A 113 3.27 -29.64 14.11
CA MET A 113 4.65 -29.22 14.36
C MET A 113 5.26 -28.45 13.19
N ALA A 114 4.97 -28.89 11.96
CA ALA A 114 5.42 -28.22 10.75
C ALA A 114 4.92 -26.76 10.67
N VAL A 115 3.63 -26.57 10.90
CA VAL A 115 3.10 -25.22 10.76
C VAL A 115 3.47 -24.38 11.97
N ASN A 116 3.11 -24.89 13.14
CA ASN A 116 3.27 -24.11 14.35
C ASN A 116 4.69 -23.78 14.77
N VAL A 117 5.59 -24.70 14.50
CA VAL A 117 6.98 -24.60 14.95
C VAL A 117 7.94 -24.37 13.79
N ASP A 118 8.02 -25.33 12.85
CA ASP A 118 8.99 -25.21 11.75
C ASP A 118 8.74 -23.94 10.94
N GLY A 119 7.48 -23.74 10.56
CA GLY A 119 7.03 -22.56 9.82
C GLY A 119 7.40 -21.23 10.50
N MET A 120 7.30 -21.15 11.83
CA MET A 120 7.63 -19.91 12.54
C MET A 120 9.15 -19.72 12.44
N PHE A 121 9.90 -20.81 12.55
CA PHE A 121 11.36 -20.70 12.34
C PHE A 121 11.69 -20.25 10.93
N TRP A 122 11.16 -20.92 9.91
CA TRP A 122 11.42 -20.52 8.51
C TRP A 122 11.11 -19.01 8.29
N ALA A 123 9.94 -18.55 8.72
CA ALA A 123 9.58 -17.13 8.54
C ALA A 123 10.55 -16.22 9.34
N SER A 124 10.84 -16.62 10.58
CA SER A 124 11.64 -15.75 11.48
C SER A 124 13.04 -15.66 10.93
N ARG A 125 13.58 -16.77 10.41
CA ARG A 125 14.94 -16.75 9.81
C ARG A 125 14.95 -15.84 8.58
N ALA A 126 13.91 -15.97 7.77
CA ALA A 126 13.84 -15.23 6.45
C ALA A 126 13.72 -13.70 6.66
N PHE A 127 12.73 -13.31 7.46
CA PHE A 127 12.51 -11.88 7.74
C PHE A 127 13.52 -11.26 8.72
N GLY A 128 14.10 -12.09 9.61
CA GLY A 128 15.03 -11.57 10.61
C GLY A 128 16.39 -11.33 10.02
N ARG A 129 16.71 -11.99 8.91
CA ARG A 129 18.00 -11.74 8.23
C ARG A 129 18.25 -10.23 8.00
N ALA A 130 17.35 -9.52 7.31
CA ALA A 130 17.57 -8.10 7.06
C ALA A 130 17.48 -7.21 8.31
N MET A 131 16.61 -7.58 9.26
CA MET A 131 16.47 -6.89 10.52
C MET A 131 17.76 -6.94 11.33
N VAL A 132 18.35 -8.12 11.40
CA VAL A 132 19.62 -8.33 12.09
C VAL A 132 20.71 -7.47 11.43
N ALA A 133 20.67 -7.45 10.09
CA ALA A 133 21.52 -6.63 9.26
C ALA A 133 21.40 -5.13 9.55
N ARG A 134 20.15 -4.65 9.71
CA ARG A 134 19.88 -3.27 10.04
C ARG A 134 20.22 -2.93 11.47
N GLY A 135 20.34 -3.92 12.35
CA GLY A 135 20.49 -3.63 13.80
C GLY A 135 19.17 -3.22 14.48
N ALA A 136 18.05 -3.55 13.83
CA ALA A 136 16.73 -3.13 14.31
C ALA A 136 15.61 -4.02 13.79
N GLY A 137 14.67 -4.38 14.68
CA GLY A 137 13.53 -5.26 14.36
C GLY A 137 12.72 -5.67 15.62
N ALA A 138 11.45 -6.02 15.43
CA ALA A 138 10.58 -6.61 16.49
C ALA A 138 9.86 -7.80 15.88
N ILE A 139 9.85 -8.92 16.50
CA ILE A 139 9.10 -10.09 16.10
C ILE A 139 8.08 -10.44 17.22
N VAL A 140 6.93 -10.72 16.88
CA VAL A 140 5.89 -11.18 17.82
C VAL A 140 5.45 -12.53 17.35
N ASN A 141 5.71 -13.53 18.20
CA ASN A 141 5.21 -14.90 17.99
C ASN A 141 3.88 -15.17 18.68
N LEU A 142 2.99 -15.86 17.97
CA LEU A 142 1.80 -16.39 18.62
C LEU A 142 2.06 -17.74 19.32
N GLY A 143 2.39 -17.63 20.61
CA GLY A 143 2.47 -18.76 21.51
C GLY A 143 1.08 -19.09 21.96
N SER A 144 0.93 -19.61 23.16
CA SER A 144 -0.42 -20.01 23.66
C SER A 144 -0.28 -20.24 25.16
N MET A 145 -1.39 -20.11 25.89
CA MET A 145 -1.41 -20.70 27.21
C MET A 145 -1.01 -22.19 27.12
N SER A 146 -1.24 -22.81 25.94
CA SER A 146 -0.96 -24.26 25.73
C SER A 146 0.57 -24.58 25.67
N GLY A 147 1.40 -23.55 25.64
CA GLY A 147 2.83 -23.76 25.82
C GLY A 147 3.35 -23.70 27.27
N THR A 148 2.42 -23.45 28.20
CA THR A 148 2.74 -23.31 29.62
C THR A 148 2.04 -24.39 30.42
N ILE A 149 0.75 -24.63 30.24
CA ILE A 149 -0.17 -25.64 30.84
C ILE A 149 -0.78 -26.49 29.71
N VAL A 150 -1.66 -27.38 30.07
CA VAL A 150 -2.34 -28.31 29.20
C VAL A 150 -3.87 -28.06 29.22
N ASN A 151 -4.50 -27.97 28.05
CA ASN A 151 -5.97 -27.74 28.00
C ASN A 151 -6.75 -28.94 28.44
N ARG A 152 -7.97 -28.67 28.91
CA ARG A 152 -8.93 -29.72 29.26
C ARG A 152 -10.32 -29.23 28.83
N PRO A 153 -11.26 -30.15 28.59
CA PRO A 153 -11.03 -31.60 28.69
C PRO A 153 -10.44 -32.22 27.42
N GLN A 154 -10.55 -31.51 26.27
CA GLN A 154 -10.09 -32.04 24.97
C GLN A 154 -8.58 -32.30 24.95
N PHE A 155 -8.17 -33.23 24.09
CA PHE A 155 -6.79 -33.68 23.95
C PHE A 155 -6.20 -33.26 22.60
N ALA A 156 -5.00 -32.70 22.65
CA ALA A 156 -4.30 -32.27 21.48
C ALA A 156 -2.83 -32.22 21.80
N SER A 157 -2.21 -33.37 22.13
CA SER A 157 -0.82 -33.34 22.60
C SER A 157 0.16 -32.65 21.63
N SER A 158 -0.09 -32.71 20.28
CA SER A 158 0.85 -32.10 19.30
C SER A 158 0.93 -30.57 19.51
N TYR A 159 -0.21 -30.02 19.92
CA TYR A 159 -0.43 -28.57 20.02
C TYR A 159 0.30 -28.06 21.24
N MET A 160 0.16 -28.78 22.34
CA MET A 160 0.86 -28.42 23.57
C MET A 160 2.37 -28.41 23.29
N ALA A 161 2.88 -29.49 22.66
CA ALA A 161 4.33 -29.56 22.37
C ALA A 161 4.77 -28.49 21.44
N SER A 162 3.97 -28.20 20.41
CA SER A 162 4.34 -27.17 19.40
C SER A 162 4.48 -25.78 20.06
N LYS A 163 3.59 -25.48 21.01
CA LYS A 163 3.61 -24.24 21.77
C LYS A 163 4.71 -24.15 22.78
N GLY A 164 5.05 -25.28 23.39
CA GLY A 164 6.33 -25.37 24.15
C GLY A 164 7.54 -24.94 23.30
N ALA A 165 7.55 -25.42 22.05
CA ALA A 165 8.61 -25.12 21.12
C ALA A 165 8.54 -23.64 20.71
N VAL A 166 7.33 -23.10 20.46
CA VAL A 166 7.16 -21.69 20.17
C VAL A 166 7.75 -20.79 21.26
N HIS A 167 7.50 -21.15 22.51
CA HIS A 167 7.98 -20.27 23.61
C HIS A 167 9.52 -20.35 23.66
N GLN A 168 10.07 -21.56 23.62
CA GLN A 168 11.57 -21.66 23.64
C GLN A 168 12.26 -21.10 22.39
N LEU A 169 11.60 -21.28 21.21
CA LEU A 169 12.11 -20.68 19.95
C LEU A 169 12.22 -19.13 20.08
N THR A 170 11.18 -18.55 20.63
CA THR A 170 11.08 -17.11 20.86
C THR A 170 12.22 -16.67 21.72
N ARG A 171 12.40 -17.39 22.82
CA ARG A 171 13.49 -17.06 23.75
C ARG A 171 14.91 -17.26 23.12
N ALA A 172 15.10 -18.35 22.38
CA ALA A 172 16.39 -18.64 21.73
C ALA A 172 16.84 -17.50 20.76
N LEU A 173 15.89 -17.00 19.99
CA LEU A 173 16.15 -15.96 18.95
C LEU A 173 16.23 -14.55 19.60
N ALA A 174 15.46 -14.36 20.68
CA ALA A 174 15.66 -13.19 21.60
C ALA A 174 17.13 -13.09 22.09
N ALA A 175 17.64 -14.17 22.67
CA ALA A 175 19.01 -14.27 23.15
C ALA A 175 20.08 -14.09 22.05
N GLU A 176 19.89 -14.77 20.91
CA GLU A 176 20.82 -14.72 19.79
C GLU A 176 20.88 -13.35 19.12
N TRP A 177 19.74 -12.64 19.09
CA TRP A 177 19.70 -11.40 18.33
C TRP A 177 19.64 -10.12 19.17
N ALA A 178 19.57 -10.26 20.49
CA ALA A 178 19.47 -9.08 21.43
C ALA A 178 20.61 -8.09 21.20
N GLY A 179 21.81 -8.63 21.05
CA GLY A 179 22.99 -7.80 20.78
C GLY A 179 22.96 -7.04 19.45
N ARG A 180 22.03 -7.39 18.55
CA ARG A 180 21.99 -6.75 17.24
C ARG A 180 20.63 -6.12 17.06
N GLY A 181 19.94 -5.84 18.17
CA GLY A 181 18.85 -4.89 18.19
C GLY A 181 17.53 -5.34 17.68
N VAL A 182 17.35 -6.66 17.65
CA VAL A 182 16.09 -7.26 17.19
C VAL A 182 15.43 -7.89 18.40
N ARG A 183 14.25 -7.42 18.77
CA ARG A 183 13.55 -8.00 19.91
C ARG A 183 12.63 -9.14 19.47
N VAL A 184 12.44 -10.14 20.33
CA VAL A 184 11.61 -11.31 19.95
C VAL A 184 10.86 -11.73 21.18
N ASN A 185 9.53 -11.69 21.05
CA ASN A 185 8.58 -11.96 22.12
C ASN A 185 7.40 -12.80 21.61
N ALA A 186 6.72 -13.45 22.53
CA ALA A 186 5.53 -14.21 22.28
C ALA A 186 4.37 -13.79 23.16
N LEU A 187 3.19 -13.95 22.59
CA LEU A 187 1.96 -13.84 23.33
C LEU A 187 1.54 -15.27 23.72
N ALA A 188 0.89 -15.44 24.88
CA ALA A 188 0.30 -16.75 25.25
C ALA A 188 -1.16 -16.49 25.54
N PRO A 189 -1.97 -16.34 24.46
CA PRO A 189 -3.42 -16.12 24.65
C PRO A 189 -4.11 -17.31 25.32
N GLY A 190 -5.17 -17.01 26.07
CA GLY A 190 -6.19 -18.01 26.46
C GLY A 190 -7.11 -18.33 25.31
N TYR A 191 -8.30 -18.87 25.59
CA TYR A 191 -9.27 -19.06 24.51
C TYR A 191 -9.65 -17.66 23.94
N VAL A 192 -9.65 -17.57 22.62
CA VAL A 192 -10.02 -16.39 21.84
C VAL A 192 -11.14 -16.83 20.87
N ALA A 193 -12.21 -16.04 20.80
CA ALA A 193 -13.29 -16.26 19.85
C ALA A 193 -12.89 -16.13 18.37
N THR A 194 -12.30 -17.18 17.78
CA THR A 194 -11.93 -17.13 16.35
C THR A 194 -12.43 -18.39 15.59
N GLU A 195 -12.04 -18.51 14.31
CA GLU A 195 -12.28 -19.69 13.47
C GLU A 195 -11.67 -20.99 14.01
N MET A 196 -10.45 -20.89 14.56
CA MET A 196 -9.73 -22.00 15.18
C MET A 196 -10.47 -22.63 16.37
N THR A 197 -11.34 -21.85 16.99
CA THR A 197 -12.07 -22.30 18.18
C THR A 197 -13.60 -22.29 17.99
N LEU A 198 -14.06 -22.22 16.74
CA LEU A 198 -15.50 -22.21 16.50
C LEU A 198 -16.14 -23.59 16.75
N LYS A 199 -15.60 -24.64 16.12
CA LYS A 199 -16.10 -26.02 16.27
C LYS A 199 -16.23 -26.46 17.73
N MET A 200 -15.23 -26.06 18.53
CA MET A 200 -15.11 -26.42 19.93
C MET A 200 -16.00 -25.56 20.85
N ARG A 201 -16.17 -24.28 20.51
CA ARG A 201 -17.11 -23.39 21.21
C ARG A 201 -18.58 -23.79 21.00
N GLU A 202 -18.83 -24.62 19.99
CA GLU A 202 -20.15 -25.17 19.67
C GLU A 202 -20.48 -26.39 20.55
N ARG A 203 -19.52 -26.86 21.35
CA ARG A 203 -19.64 -28.09 22.16
C ARG A 203 -19.61 -27.86 23.70
N PRO A 204 -20.78 -27.65 24.35
CA PRO A 204 -20.84 -27.26 25.78
C PRO A 204 -20.10 -28.17 26.77
N GLU A 205 -19.94 -29.46 26.43
CA GLU A 205 -19.12 -30.40 27.23
C GLU A 205 -17.61 -30.05 27.23
N LEU A 206 -17.23 -29.17 26.29
CA LEU A 206 -15.94 -28.51 26.29
C LEU A 206 -16.14 -27.07 26.77
N PHE A 207 -17.13 -26.37 26.17
CA PHE A 207 -17.25 -24.91 26.38
C PHE A 207 -17.53 -24.42 27.80
N GLU A 208 -18.42 -25.09 28.52
CA GLU A 208 -18.71 -24.72 29.91
C GLU A 208 -17.48 -24.93 30.83
N THR A 209 -16.67 -25.92 30.49
CA THR A 209 -15.40 -26.16 31.17
C THR A 209 -14.42 -25.02 30.92
N TRP A 210 -14.35 -24.56 29.67
CA TRP A 210 -13.43 -23.46 29.28
C TRP A 210 -13.63 -22.21 30.16
N LEU A 211 -14.88 -21.79 30.29
CA LEU A 211 -15.20 -20.55 31.00
C LEU A 211 -15.04 -20.74 32.50
N ASP A 212 -15.44 -21.90 32.98
CA ASP A 212 -15.26 -22.22 34.38
C ASP A 212 -13.84 -22.14 34.87
N MET A 213 -12.91 -22.53 33.98
CA MET A 213 -11.47 -22.57 34.21
C MET A 213 -10.82 -21.19 34.02
N THR A 214 -11.63 -20.26 33.50
CA THR A 214 -11.16 -18.90 33.23
C THR A 214 -11.70 -17.89 34.28
N PRO A 215 -10.80 -17.36 35.15
CA PRO A 215 -11.19 -16.40 36.18
C PRO A 215 -12.06 -15.30 35.61
N MET A 216 -11.68 -14.72 34.47
CA MET A 216 -12.53 -13.66 33.88
C MET A 216 -13.91 -14.15 33.35
N GLY A 217 -14.12 -15.47 33.36
CA GLY A 217 -15.37 -16.12 32.93
C GLY A 217 -15.78 -15.88 31.47
N ARG A 218 -14.81 -15.68 30.58
CA ARG A 218 -15.11 -15.34 29.18
C ARG A 218 -13.98 -15.62 28.23
N CYS A 219 -14.30 -15.82 26.96
CA CYS A 219 -13.27 -15.89 25.93
C CYS A 219 -12.69 -14.49 25.70
N GLY A 220 -11.45 -14.41 25.23
CA GLY A 220 -10.88 -13.13 24.80
C GLY A 220 -11.45 -12.75 23.44
N GLU A 221 -11.35 -11.47 23.12
CA GLU A 221 -11.72 -10.96 21.81
C GLU A 221 -10.49 -10.83 20.96
N PRO A 222 -10.60 -11.15 19.64
CA PRO A 222 -9.37 -11.03 18.84
C PRO A 222 -8.65 -9.71 19.11
N SER A 223 -9.38 -8.60 19.25
CA SER A 223 -8.78 -7.29 19.49
C SER A 223 -8.05 -7.17 20.84
N GLU A 224 -8.37 -8.02 21.80
CA GLU A 224 -7.68 -7.94 23.06
C GLU A 224 -6.30 -8.55 22.87
N ILE A 225 -6.23 -9.41 21.94
CA ILE A 225 -4.92 -10.05 21.70
C ILE A 225 -4.11 -9.13 20.80
N ALA A 226 -4.69 -8.64 19.75
CA ALA A 226 -4.11 -7.61 18.91
C ALA A 226 -3.56 -6.42 19.69
N ALA A 227 -4.34 -5.82 20.62
CA ALA A 227 -3.79 -4.68 21.39
C ALA A 227 -2.43 -5.06 22.04
N ALA A 228 -2.37 -6.29 22.53
CA ALA A 228 -1.12 -6.79 23.20
C ALA A 228 0.02 -7.07 22.24
N ALA A 229 -0.32 -7.58 21.05
CA ALA A 229 0.70 -7.68 19.99
C ALA A 229 1.23 -6.31 19.62
N LEU A 230 0.35 -5.31 19.51
CA LEU A 230 0.78 -3.96 19.22
C LEU A 230 1.81 -3.43 20.24
N PHE A 231 1.50 -3.60 21.52
CA PHE A 231 2.47 -3.27 22.53
C PHE A 231 3.84 -3.91 22.26
N LEU A 232 3.86 -5.24 22.09
CA LEU A 232 5.16 -5.96 21.94
C LEU A 232 5.96 -5.50 20.72
N ALA A 233 5.21 -5.17 19.68
CA ALA A 233 5.78 -4.82 18.43
C ALA A 233 6.25 -3.38 18.48
N SER A 234 5.67 -2.55 19.33
CA SER A 234 6.00 -1.11 19.32
C SER A 234 7.23 -0.69 20.15
N PRO A 235 7.70 0.56 19.93
CA PRO A 235 8.74 1.14 20.80
C PRO A 235 8.40 1.15 22.29
N ALA A 236 7.13 1.02 22.66
CA ALA A 236 6.71 0.92 24.09
C ALA A 236 7.43 -0.28 24.71
N ALA A 237 7.62 -1.33 23.93
CA ALA A 237 8.22 -2.57 24.48
C ALA A 237 9.73 -2.67 24.26
N SER A 238 10.43 -1.51 24.29
CA SER A 238 11.81 -1.53 23.86
C SER A 238 12.81 -2.27 24.81
N TYR A 239 12.46 -2.50 26.07
CA TYR A 239 13.28 -3.31 27.02
C TYR A 239 12.72 -4.70 27.33
N VAL A 240 11.78 -5.12 26.48
CA VAL A 240 11.12 -6.39 26.58
C VAL A 240 11.63 -7.25 25.43
N THR A 241 12.44 -8.26 25.75
CA THR A 241 12.76 -9.32 24.80
C THR A 241 12.80 -10.68 25.49
N GLY A 242 12.42 -11.69 24.72
CA GLY A 242 12.33 -13.05 25.26
C GLY A 242 11.19 -13.29 26.25
N ALA A 243 10.24 -12.33 26.28
CA ALA A 243 9.11 -12.44 27.17
C ALA A 243 8.01 -13.27 26.55
N ILE A 244 7.34 -13.99 27.48
CA ILE A 244 6.13 -14.71 27.16
C ILE A 244 4.98 -14.01 27.89
N LEU A 245 4.19 -13.24 27.19
CA LEU A 245 3.15 -12.44 27.81
C LEU A 245 1.78 -13.18 27.83
N ALA A 246 1.31 -13.53 29.01
CA ALA A 246 -0.02 -14.20 29.17
C ALA A 246 -1.16 -13.20 28.89
N VAL A 247 -2.02 -13.56 27.93
CA VAL A 247 -3.24 -12.81 27.67
C VAL A 247 -4.38 -13.79 27.72
N ASP A 248 -4.74 -14.23 28.91
CA ASP A 248 -5.53 -15.42 29.04
C ASP A 248 -6.69 -15.34 30.03
N GLY A 249 -7.03 -14.11 30.46
CA GLY A 249 -8.15 -13.90 31.36
C GLY A 249 -7.93 -14.53 32.74
N GLY A 250 -6.65 -14.77 33.06
CA GLY A 250 -6.20 -15.38 34.30
C GLY A 250 -6.09 -16.90 34.22
N TYR A 251 -6.20 -17.47 33.01
CA TYR A 251 -6.34 -18.89 32.98
C TYR A 251 -5.18 -19.62 33.66
N THR A 252 -3.94 -19.19 33.35
CA THR A 252 -2.74 -19.83 33.92
C THR A 252 -2.51 -19.48 35.41
N VAL A 253 -3.36 -18.61 35.97
CA VAL A 253 -3.33 -18.31 37.41
C VAL A 253 -3.80 -19.47 38.34
N TRP A 254 -4.93 -20.10 38.00
CA TRP A 254 -5.41 -21.29 38.68
C TRP A 254 -4.65 -22.57 38.39
N MET B 1 -13.06 -1.89 19.80
CA MET B 1 -11.75 -1.26 20.15
C MET B 1 -11.31 -0.25 19.11
N ASP B 2 -10.94 0.93 19.57
CA ASP B 2 -10.28 1.94 18.75
C ASP B 2 -8.78 2.04 19.13
N TYR B 3 -7.91 1.42 18.32
CA TYR B 3 -6.49 1.24 18.68
C TYR B 3 -5.74 2.53 18.93
N ARG B 4 -6.31 3.60 18.41
CA ARG B 4 -5.65 4.89 18.39
C ARG B 4 -5.57 5.52 19.77
N THR B 5 -6.60 5.26 20.55
CA THR B 5 -6.71 5.85 21.84
C THR B 5 -6.88 4.77 22.94
N VAL B 6 -6.72 3.49 22.58
CA VAL B 6 -6.95 2.38 23.54
C VAL B 6 -5.89 2.29 24.65
N PHE B 7 -4.75 2.99 24.46
CA PHE B 7 -3.67 3.02 25.44
C PHE B 7 -3.70 4.21 26.46
N ARG B 8 -4.73 5.05 26.29
CA ARG B 8 -4.96 6.22 27.07
C ARG B 8 -5.76 5.91 28.35
N LEU B 9 -5.70 6.85 29.28
CA LEU B 9 -6.30 6.70 30.61
C LEU B 9 -7.21 7.91 30.83
N ASP B 10 -7.81 8.40 29.75
CA ASP B 10 -8.66 9.59 29.86
C ASP B 10 -9.82 9.35 30.80
N GLY B 11 -10.02 10.28 31.72
CA GLY B 11 -11.09 10.13 32.70
C GLY B 11 -10.71 9.36 33.95
N ALA B 12 -9.58 8.65 33.91
CA ALA B 12 -9.21 7.76 34.97
C ALA B 12 -8.45 8.47 36.08
N CYS B 13 -8.52 7.94 37.29
CA CYS B 13 -7.63 8.38 38.36
C CYS B 13 -6.76 7.21 38.88
N ALA B 14 -5.44 7.41 38.87
CA ALA B 14 -4.44 6.45 39.36
C ALA B 14 -3.82 6.88 40.72
N ALA B 15 -3.86 5.99 41.71
CA ALA B 15 -3.06 6.11 42.91
C ALA B 15 -1.71 5.43 42.60
N VAL B 16 -0.59 6.14 42.84
CA VAL B 16 0.76 5.57 42.73
C VAL B 16 1.58 5.73 44.02
N THR B 17 1.99 4.60 44.58
CA THR B 17 2.84 4.58 45.76
C THR B 17 4.26 4.57 45.27
N GLY B 18 5.14 5.17 46.05
CA GLY B 18 6.51 5.37 45.58
C GLY B 18 6.54 6.38 44.47
N ALA B 19 5.62 7.34 44.49
CA ALA B 19 5.53 8.35 43.41
C ALA B 19 6.61 9.42 43.36
N GLY B 20 7.43 9.51 44.40
CA GLY B 20 8.35 10.61 44.47
C GLY B 20 9.66 10.36 43.77
N SER B 21 9.91 9.11 43.39
CA SER B 21 11.18 8.72 42.80
C SER B 21 11.06 7.69 41.69
N GLY B 22 12.17 7.55 40.95
CA GLY B 22 12.49 6.43 40.09
C GLY B 22 11.39 6.02 39.15
N ILE B 23 11.04 4.74 39.19
CA ILE B 23 10.02 4.21 38.32
C ILE B 23 8.61 4.76 38.64
N GLY B 24 8.31 4.94 39.94
CA GLY B 24 7.00 5.43 40.44
C GLY B 24 6.66 6.78 39.84
N LEU B 25 7.64 7.69 39.83
CA LEU B 25 7.54 9.04 39.25
C LEU B 25 7.44 9.05 37.72
N GLU B 26 8.26 8.23 37.05
CA GLU B 26 8.15 8.10 35.59
C GLU B 26 6.77 7.57 35.16
N ILE B 27 6.16 6.63 35.88
CA ILE B 27 4.76 6.20 35.69
C ILE B 27 3.74 7.33 35.96
N CYS B 28 3.91 8.09 36.96
CA CYS B 28 3.12 9.31 37.08
C CYS B 28 3.20 10.18 35.79
N ARG B 29 4.40 10.39 35.25
CA ARG B 29 4.55 11.15 34.00
C ARG B 29 3.80 10.56 32.83
N ALA B 30 3.95 9.25 32.71
CA ALA B 30 3.38 8.48 31.62
C ALA B 30 1.83 8.58 31.70
N PHE B 31 1.31 8.34 32.89
CA PHE B 31 -0.14 8.36 33.19
C PHE B 31 -0.73 9.78 33.00
N ALA B 32 0.00 10.81 33.47
CA ALA B 32 -0.40 12.23 33.23
C ALA B 32 -0.51 12.48 31.76
N ALA B 33 0.58 12.21 31.03
CA ALA B 33 0.59 12.32 29.56
C ALA B 33 -0.61 11.62 28.92
N SER B 34 -1.08 10.56 29.56
CA SER B 34 -2.03 9.69 28.92
C SER B 34 -3.49 10.06 29.25
N GLY B 35 -3.67 11.12 30.04
CA GLY B 35 -5.01 11.60 30.40
C GLY B 35 -5.50 11.29 31.82
N ALA B 36 -4.64 10.71 32.65
CA ALA B 36 -4.99 10.38 34.02
C ALA B 36 -4.76 11.48 35.05
N ARG B 37 -5.64 11.45 36.05
CA ARG B 37 -5.54 12.24 37.21
C ARG B 37 -4.87 11.35 38.23
N LEU B 38 -4.10 11.99 39.11
CA LEU B 38 -3.17 11.31 40.05
C LEU B 38 -3.39 11.51 41.54
N ILE B 39 -3.15 10.48 42.27
CA ILE B 39 -2.94 10.49 43.72
C ILE B 39 -1.50 10.04 44.01
N LEU B 40 -0.73 10.94 44.45
CA LEU B 40 0.68 10.66 44.72
C LEU B 40 0.81 10.20 46.17
N ILE B 41 1.49 9.11 46.30
CA ILE B 41 1.79 8.57 47.65
C ILE B 41 3.25 8.27 47.83
N ASP B 42 3.84 8.67 48.96
CA ASP B 42 5.26 8.45 49.23
C ASP B 42 5.50 8.82 50.68
N ARG B 43 6.44 8.14 51.35
CA ARG B 43 6.73 8.47 52.77
C ARG B 43 7.56 9.77 52.84
N GLU B 44 8.22 10.07 51.73
CA GLU B 44 9.17 11.16 51.70
C GLU B 44 8.56 12.48 51.17
N ALA B 45 8.35 13.41 52.10
CA ALA B 45 7.75 14.71 51.84
C ALA B 45 8.50 15.51 50.80
N ALA B 46 9.81 15.70 50.98
CA ALA B 46 10.60 16.49 50.01
C ALA B 46 10.31 15.98 48.60
N ALA B 47 10.53 14.69 48.38
CA ALA B 47 10.29 14.03 47.07
C ALA B 47 8.89 14.24 46.46
N LEU B 48 7.85 14.00 47.29
CA LEU B 48 6.45 14.21 46.93
C LEU B 48 6.09 15.59 46.42
N ASP B 49 6.50 16.63 47.13
CA ASP B 49 6.20 18.00 46.69
C ASP B 49 6.88 18.34 45.37
N ARG B 50 8.06 17.78 45.14
CA ARG B 50 8.77 17.86 43.84
C ARG B 50 7.99 17.18 42.70
N ALA B 51 7.59 15.92 42.95
CA ALA B 51 6.69 15.18 42.07
C ALA B 51 5.48 16.04 41.70
N ALA B 52 4.74 16.47 42.71
CA ALA B 52 3.50 17.24 42.51
C ALA B 52 3.75 18.56 41.75
N GLN B 53 4.76 19.31 42.16
CA GLN B 53 5.09 20.57 41.47
C GLN B 53 5.19 20.31 39.95
N GLU B 54 5.98 19.30 39.58
CA GLU B 54 6.21 18.91 38.18
C GLU B 54 4.99 18.39 37.40
N LEU B 55 4.14 17.61 38.06
CA LEU B 55 2.99 16.98 37.42
C LEU B 55 1.78 17.93 37.30
N GLY B 56 1.80 19.00 38.11
CA GLY B 56 0.86 20.12 37.97
C GLY B 56 -0.61 19.78 38.15
N ALA B 57 -1.40 19.99 37.11
CA ALA B 57 -2.86 19.87 37.25
C ALA B 57 -3.38 18.42 37.26
N ALA B 58 -2.55 17.45 36.85
CA ALA B 58 -3.01 16.07 36.85
C ALA B 58 -3.08 15.53 38.28
N VAL B 59 -2.55 16.30 39.21
CA VAL B 59 -2.52 15.89 40.62
C VAL B 59 -3.79 16.20 41.42
N ALA B 60 -4.59 15.15 41.68
CA ALA B 60 -5.82 15.26 42.52
C ALA B 60 -5.56 15.37 44.01
N ALA B 61 -4.57 14.61 44.51
CA ALA B 61 -4.11 14.65 45.91
C ALA B 61 -2.66 14.18 46.00
N ARG B 62 -2.02 14.58 47.08
CA ARG B 62 -0.64 14.24 47.41
C ARG B 62 -0.57 13.88 48.90
N ILE B 63 -0.26 12.74 49.05
CA ILE B 63 -0.48 12.16 50.35
C ILE B 63 0.84 11.62 50.85
N VAL B 64 1.40 12.02 52.03
CA VAL B 64 2.61 11.56 52.73
C VAL B 64 2.20 10.41 53.65
N ALA B 65 2.54 9.20 53.21
CA ALA B 65 2.16 8.03 53.92
C ALA B 65 3.19 6.93 53.66
N ASP B 66 3.39 6.16 54.71
CA ASP B 66 4.20 4.95 54.77
C ASP B 66 3.26 3.75 54.46
N VAL B 67 3.57 3.04 53.38
CA VAL B 67 2.78 1.89 52.91
C VAL B 67 2.67 0.75 53.96
N THR B 68 3.68 0.65 54.83
CA THR B 68 3.68 -0.35 55.94
C THR B 68 2.67 -0.07 57.07
N ASP B 69 2.19 1.18 57.12
CA ASP B 69 1.14 1.58 58.04
C ASP B 69 -0.21 1.35 57.36
N ALA B 70 -0.87 0.27 57.74
CA ALA B 70 -2.10 -0.17 57.09
C ALA B 70 -3.33 0.74 57.26
N GLU B 71 -3.46 1.37 58.43
CA GLU B 71 -4.54 2.38 58.59
C GLU B 71 -4.29 3.69 57.83
N ALA B 72 -3.03 4.07 57.60
CA ALA B 72 -2.65 5.16 56.64
C ALA B 72 -3.05 4.86 55.20
N MET B 73 -3.02 3.58 54.84
CA MET B 73 -3.50 3.18 53.53
C MET B 73 -5.02 3.17 53.49
N THR B 74 -5.63 2.71 54.56
CA THR B 74 -7.10 2.76 54.62
C THR B 74 -7.60 4.22 54.58
N ALA B 75 -6.98 5.08 55.39
CA ALA B 75 -7.20 6.54 55.39
C ALA B 75 -6.95 7.19 54.02
N ALA B 76 -5.85 6.80 53.37
CA ALA B 76 -5.51 7.37 52.08
C ALA B 76 -6.55 7.08 50.98
N ALA B 77 -7.08 5.87 50.99
CA ALA B 77 -8.11 5.46 50.04
C ALA B 77 -9.40 6.28 50.18
N ALA B 78 -9.77 6.51 51.44
CA ALA B 78 -10.99 7.25 51.84
C ALA B 78 -10.92 8.68 51.38
N GLU B 79 -9.77 9.27 51.54
CA GLU B 79 -9.40 10.58 51.04
C GLU B 79 -9.44 10.70 49.55
N ALA B 80 -8.78 9.76 48.89
CA ALA B 80 -8.80 9.48 47.47
C ALA B 80 -10.21 9.47 46.92
N GLU B 81 -11.09 8.64 47.51
CA GLU B 81 -12.43 8.43 46.99
C GLU B 81 -13.33 9.68 47.00
N ALA B 82 -13.07 10.55 47.99
CA ALA B 82 -13.75 11.86 48.15
C ALA B 82 -13.39 12.78 46.98
N VAL B 83 -12.10 12.74 46.62
CA VAL B 83 -11.42 13.65 45.71
C VAL B 83 -11.47 13.25 44.23
N ALA B 84 -11.27 11.98 43.97
CA ALA B 84 -11.44 11.39 42.65
C ALA B 84 -11.72 9.87 42.77
N PRO B 85 -12.66 9.35 42.00
CA PRO B 85 -12.72 7.88 42.17
C PRO B 85 -11.48 7.19 41.53
N VAL B 86 -10.76 6.42 42.36
CA VAL B 86 -9.51 5.79 41.96
C VAL B 86 -9.77 4.44 41.27
N SER B 87 -9.44 4.36 39.98
CA SER B 87 -9.71 3.14 39.20
C SER B 87 -8.40 2.38 38.87
N ILE B 88 -7.32 2.98 39.22
CA ILE B 88 -6.00 2.36 38.93
C ILE B 88 -5.07 2.47 40.15
N LEU B 89 -4.41 1.41 40.54
CA LEU B 89 -3.42 1.43 41.59
C LEU B 89 -2.12 0.86 41.10
N VAL B 90 -1.05 1.62 41.32
CA VAL B 90 0.32 1.23 41.01
C VAL B 90 1.10 1.14 42.32
N ASN B 91 1.49 -0.10 42.65
CA ASN B 91 2.32 -0.33 43.82
C ASN B 91 3.81 -0.30 43.48
N SER B 92 4.43 0.88 43.54
CA SER B 92 5.87 1.04 43.27
C SER B 92 6.76 1.27 44.51
N ALA B 93 6.18 1.51 45.68
CA ALA B 93 6.98 1.66 46.91
C ALA B 93 7.74 0.35 47.15
N GLY B 94 9.07 0.44 47.22
CA GLY B 94 9.87 -0.75 47.52
C GLY B 94 11.27 -0.34 47.90
N ILE B 95 11.92 -1.19 48.51
CA ILE B 95 13.29 -0.99 48.99
C ILE B 95 14.12 -2.25 48.70
N ALA B 96 15.47 -2.09 48.78
CA ALA B 96 16.42 -3.18 48.55
C ALA B 96 17.64 -2.91 49.42
N ARG B 97 18.03 -3.90 50.24
CA ARG B 97 19.21 -3.84 51.09
C ARG B 97 20.12 -5.02 50.78
N LEU B 98 21.39 -4.72 50.54
CA LEU B 98 22.37 -5.78 50.38
C LEU B 98 22.59 -6.43 51.73
N HIS B 99 22.57 -7.76 51.76
CA HIS B 99 23.11 -8.46 52.94
C HIS B 99 23.56 -9.90 52.66
N ASP B 100 24.57 -10.39 53.39
CA ASP B 100 24.85 -11.83 53.33
C ASP B 100 23.86 -12.54 54.27
N ALA B 101 23.32 -13.67 53.83
CA ALA B 101 22.37 -14.45 54.62
C ALA B 101 22.81 -14.73 56.04
N LEU B 102 24.09 -15.11 56.20
CA LEU B 102 24.63 -15.45 57.54
C LEU B 102 25.00 -14.22 58.40
N GLU B 103 24.99 -13.04 57.80
CA GLU B 103 25.23 -11.81 58.54
C GLU B 103 24.04 -10.86 58.41
N THR B 104 22.82 -11.39 58.37
CA THR B 104 21.62 -10.54 58.21
C THR B 104 21.14 -10.15 59.58
N ASP B 105 20.86 -8.87 59.83
CA ASP B 105 20.18 -8.59 61.09
C ASP B 105 18.66 -8.62 60.89
N ASP B 106 17.96 -9.07 61.93
CA ASP B 106 16.52 -9.39 61.82
C ASP B 106 15.71 -8.21 61.31
N ALA B 107 16.19 -6.99 61.63
CA ALA B 107 15.47 -5.77 61.26
C ALA B 107 15.50 -5.49 59.70
N THR B 108 16.65 -5.74 59.07
CA THR B 108 16.83 -5.63 57.63
C THR B 108 15.82 -6.55 56.92
N TRP B 109 15.89 -7.86 57.20
CA TRP B 109 14.88 -8.83 56.73
C TRP B 109 13.43 -8.36 56.96
N ARG B 110 13.09 -7.97 58.20
CA ARG B 110 11.67 -7.70 58.53
C ARG B 110 11.17 -6.47 57.74
N GLN B 111 12.05 -5.49 57.59
CA GLN B 111 11.75 -4.23 56.93
C GLN B 111 11.55 -4.39 55.42
N VAL B 112 12.36 -5.25 54.80
CA VAL B 112 12.23 -5.45 53.36
C VAL B 112 10.87 -6.13 53.06
N MET B 113 10.56 -7.16 53.84
CA MET B 113 9.28 -7.88 53.75
C MET B 113 8.05 -6.97 54.07
N ALA B 114 8.16 -6.13 55.10
CA ALA B 114 7.18 -5.10 55.43
C ALA B 114 6.94 -4.06 54.31
N VAL B 115 7.97 -3.40 53.76
CA VAL B 115 7.73 -2.47 52.62
C VAL B 115 7.21 -3.21 51.29
N ASN B 116 7.95 -4.23 50.89
CA ASN B 116 7.84 -4.80 49.56
C ASN B 116 6.57 -5.64 49.36
N VAL B 117 6.06 -6.19 50.45
CA VAL B 117 5.03 -7.21 50.42
C VAL B 117 3.80 -6.77 51.29
N ASP B 118 4.05 -6.56 52.58
CA ASP B 118 2.95 -6.11 53.46
C ASP B 118 2.39 -4.81 52.95
N GLY B 119 3.25 -3.82 52.71
CA GLY B 119 2.80 -2.53 52.19
C GLY B 119 1.96 -2.66 50.92
N MET B 120 2.37 -3.57 50.05
CA MET B 120 1.67 -3.81 48.82
C MET B 120 0.28 -4.39 49.08
N PHE B 121 0.17 -5.27 50.06
CA PHE B 121 -1.15 -5.77 50.39
C PHE B 121 -2.08 -4.70 51.00
N TRP B 122 -1.53 -3.90 51.94
CA TRP B 122 -2.30 -2.83 52.63
C TRP B 122 -2.81 -1.84 51.61
N ALA B 123 -1.95 -1.41 50.66
CA ALA B 123 -2.39 -0.50 49.58
C ALA B 123 -3.42 -1.13 48.66
N SER B 124 -3.19 -2.37 48.27
CA SER B 124 -4.13 -3.08 47.41
C SER B 124 -5.51 -3.34 48.07
N ARG B 125 -5.52 -3.69 49.36
CA ARG B 125 -6.76 -3.81 50.10
C ARG B 125 -7.47 -2.43 50.23
N ALA B 126 -6.71 -1.38 50.55
CA ALA B 126 -7.32 -0.08 50.80
C ALA B 126 -8.00 0.39 49.49
N PHE B 127 -7.22 0.44 48.42
CA PHE B 127 -7.76 0.97 47.16
C PHE B 127 -8.57 -0.01 46.34
N GLY B 128 -8.24 -1.28 46.46
CA GLY B 128 -9.05 -2.27 45.76
C GLY B 128 -10.53 -2.35 46.20
N ARG B 129 -10.83 -1.98 47.44
CA ARG B 129 -12.20 -1.95 48.02
C ARG B 129 -13.24 -1.27 47.10
N ALA B 130 -12.94 -0.02 46.73
CA ALA B 130 -13.83 0.77 45.91
C ALA B 130 -13.88 0.28 44.48
N MET B 131 -12.74 -0.22 43.96
CA MET B 131 -12.73 -0.90 42.65
C MET B 131 -13.63 -2.14 42.67
N VAL B 132 -13.43 -2.99 43.64
CA VAL B 132 -14.27 -4.19 43.68
C VAL B 132 -15.77 -3.81 43.78
N ALA B 133 -16.10 -2.75 44.53
CA ALA B 133 -17.52 -2.33 44.63
C ALA B 133 -18.13 -1.85 43.31
N ARG B 134 -17.37 -1.10 42.52
CA ARG B 134 -17.75 -0.60 41.21
C ARG B 134 -17.71 -1.69 40.14
N GLY B 135 -17.14 -2.84 40.51
CA GLY B 135 -16.80 -3.91 39.57
C GLY B 135 -15.88 -3.54 38.42
N ALA B 136 -14.91 -2.67 38.69
CA ALA B 136 -13.97 -2.17 37.66
C ALA B 136 -12.70 -1.69 38.29
N GLY B 137 -11.56 -2.10 37.72
CA GLY B 137 -10.28 -1.49 38.06
C GLY B 137 -9.07 -2.23 37.49
N ALA B 138 -7.90 -1.68 37.78
CA ALA B 138 -6.63 -2.24 37.29
C ALA B 138 -5.58 -1.98 38.36
N ILE B 139 -4.76 -2.87 38.68
CA ILE B 139 -3.66 -2.70 39.63
C ILE B 139 -2.37 -3.14 38.92
N VAL B 140 -1.36 -2.54 39.10
CA VAL B 140 -0.05 -2.94 38.58
C VAL B 140 0.95 -2.92 39.70
N ASN B 141 1.55 -4.05 40.01
CA ASN B 141 2.57 -4.18 41.05
C ASN B 141 3.96 -4.17 40.45
N LEU B 142 4.90 -3.51 41.11
CA LEU B 142 6.32 -3.65 40.77
C LEU B 142 6.99 -4.84 41.41
N GLY B 143 7.06 -5.92 40.63
CA GLY B 143 7.79 -7.13 41.01
C GLY B 143 9.22 -6.92 40.54
N SER B 144 9.88 -8.00 40.14
CA SER B 144 11.29 -7.87 39.68
C SER B 144 11.66 -9.13 38.98
N MET B 145 12.70 -9.09 38.14
CA MET B 145 13.29 -10.33 37.73
C MET B 145 13.69 -11.16 38.98
N SER B 146 14.07 -10.46 40.06
CA SER B 146 14.34 -11.04 41.39
C SER B 146 13.18 -11.88 42.01
N GLY B 147 12.01 -11.82 41.43
CA GLY B 147 10.92 -12.67 41.88
C GLY B 147 10.91 -13.98 41.12
N THR B 148 11.75 -14.04 40.07
CA THR B 148 11.90 -15.21 39.18
C THR B 148 13.25 -15.94 39.38
N ILE B 149 14.35 -15.30 39.36
CA ILE B 149 15.73 -15.75 39.44
C ILE B 149 16.38 -14.99 40.59
N VAL B 150 17.66 -15.25 40.79
CA VAL B 150 18.46 -14.58 41.81
C VAL B 150 19.57 -13.73 41.18
N ASN B 151 19.59 -12.45 41.53
CA ASN B 151 20.66 -11.58 41.08
C ASN B 151 22.05 -12.11 41.42
N ARG B 152 23.03 -11.73 40.63
CA ARG B 152 24.44 -11.94 41.00
C ARG B 152 25.23 -10.70 40.55
N PRO B 153 26.41 -10.48 41.16
CA PRO B 153 27.01 -11.23 42.28
C PRO B 153 26.55 -10.91 43.70
N GLN B 154 25.81 -9.82 43.85
CA GLN B 154 25.41 -9.30 45.16
C GLN B 154 24.35 -10.15 45.83
N PHE B 155 24.31 -10.12 47.16
CA PHE B 155 23.33 -10.94 47.91
C PHE B 155 22.30 -10.03 48.57
N ALA B 156 21.06 -10.46 48.55
CA ALA B 156 19.96 -9.73 49.10
C ALA B 156 18.78 -10.71 49.21
N SER B 157 18.96 -11.79 49.94
CA SER B 157 17.94 -12.86 49.98
C SER B 157 16.51 -12.36 50.34
N SER B 158 16.44 -11.34 51.21
CA SER B 158 15.19 -10.71 51.59
C SER B 158 14.50 -10.03 50.37
N TYR B 159 15.26 -9.37 49.53
CA TYR B 159 14.69 -8.82 48.28
C TYR B 159 14.13 -9.91 47.38
N MET B 160 14.90 -10.98 47.18
CA MET B 160 14.42 -12.09 46.34
C MET B 160 13.11 -12.72 46.91
N ALA B 161 13.11 -13.09 48.18
CA ALA B 161 11.93 -13.54 48.89
C ALA B 161 10.75 -12.57 48.72
N SER B 162 11.00 -11.26 48.89
CA SER B 162 9.92 -10.24 48.82
C SER B 162 9.28 -10.20 47.43
N LYS B 163 10.11 -10.35 46.41
CA LYS B 163 9.65 -10.28 45.01
C LYS B 163 8.88 -11.55 44.56
N GLY B 164 9.31 -12.70 45.06
CA GLY B 164 8.53 -13.94 45.01
C GLY B 164 7.11 -13.77 45.56
N ALA B 165 7.00 -13.17 46.75
CA ALA B 165 5.70 -12.86 47.37
C ALA B 165 4.89 -11.89 46.47
N VAL B 166 5.57 -10.87 45.94
CA VAL B 166 4.92 -9.85 45.13
C VAL B 166 4.21 -10.52 43.92
N HIS B 167 4.91 -11.42 43.25
CA HIS B 167 4.39 -12.08 42.05
C HIS B 167 3.21 -12.91 42.43
N GLN B 168 3.27 -13.59 43.57
CA GLN B 168 2.16 -14.47 43.93
C GLN B 168 0.92 -13.77 44.55
N LEU B 169 1.17 -12.73 45.34
CA LEU B 169 0.17 -11.76 45.73
C LEU B 169 -0.57 -11.22 44.52
N THR B 170 0.16 -10.80 43.50
CA THR B 170 -0.43 -10.35 42.26
C THR B 170 -1.43 -11.35 41.70
N ARG B 171 -0.98 -12.58 41.55
CA ARG B 171 -1.83 -13.66 41.04
C ARG B 171 -3.00 -14.00 41.93
N ALA B 172 -2.77 -13.98 43.26
CA ALA B 172 -3.83 -14.31 44.27
C ALA B 172 -5.00 -13.28 44.21
N LEU B 173 -4.67 -11.99 44.18
CA LEU B 173 -5.69 -10.93 44.02
C LEU B 173 -6.34 -10.94 42.59
N ALA B 174 -5.53 -11.17 41.57
CA ALA B 174 -6.08 -11.35 40.19
C ALA B 174 -7.14 -12.44 40.22
N ALA B 175 -6.81 -13.58 40.82
CA ALA B 175 -7.79 -14.69 40.80
C ALA B 175 -9.05 -14.34 41.62
N GLU B 176 -8.82 -13.70 42.75
CA GLU B 176 -9.92 -13.39 43.69
C GLU B 176 -10.93 -12.33 43.16
N TRP B 177 -10.44 -11.31 42.45
CA TRP B 177 -11.25 -10.22 41.97
C TRP B 177 -11.55 -10.24 40.46
N ALA B 178 -11.11 -11.28 39.77
CA ALA B 178 -11.31 -11.41 38.31
C ALA B 178 -12.77 -11.32 37.95
N GLY B 179 -13.58 -12.10 38.69
CA GLY B 179 -15.01 -12.21 38.47
C GLY B 179 -15.74 -10.93 38.73
N ARG B 180 -15.10 -10.02 39.49
CA ARG B 180 -15.67 -8.75 39.88
C ARG B 180 -14.98 -7.58 39.22
N GLY B 181 -14.31 -7.86 38.12
CA GLY B 181 -13.87 -6.83 37.19
C GLY B 181 -12.59 -6.08 37.53
N VAL B 182 -11.81 -6.57 38.50
CA VAL B 182 -10.53 -5.91 38.76
C VAL B 182 -9.39 -6.78 38.24
N ARG B 183 -8.62 -6.22 37.30
CA ARG B 183 -7.38 -6.89 36.82
C ARG B 183 -6.18 -6.53 37.72
N VAL B 184 -5.29 -7.50 37.89
CA VAL B 184 -4.07 -7.29 38.73
C VAL B 184 -2.89 -7.99 38.04
N ASN B 185 -1.83 -7.23 37.77
CA ASN B 185 -0.67 -7.75 37.04
C ASN B 185 0.56 -7.16 37.68
N ALA B 186 1.69 -7.79 37.39
CA ALA B 186 2.96 -7.28 37.81
C ALA B 186 3.94 -7.09 36.65
N LEU B 187 4.80 -6.06 36.80
CA LEU B 187 5.99 -5.93 35.98
C LEU B 187 7.13 -6.60 36.72
N ALA B 188 7.96 -7.35 36.00
CA ALA B 188 9.22 -7.87 36.56
C ALA B 188 10.38 -7.26 35.79
N PRO B 189 10.79 -6.05 36.21
CA PRO B 189 11.94 -5.39 35.54
C PRO B 189 13.30 -6.03 35.79
N GLY B 190 14.23 -5.82 34.85
CA GLY B 190 15.64 -6.05 35.05
C GLY B 190 16.21 -4.83 35.72
N TYR B 191 17.52 -4.64 35.58
CA TYR B 191 18.19 -3.45 36.07
C TYR B 191 17.68 -2.21 35.37
N VAL B 192 17.33 -1.21 36.18
CA VAL B 192 16.76 0.02 35.67
C VAL B 192 17.57 1.12 36.23
N ALA B 193 17.81 2.15 35.43
CA ALA B 193 18.68 3.25 35.83
C ALA B 193 17.89 4.31 36.62
N THR B 194 17.66 4.01 37.91
CA THR B 194 16.99 4.90 38.88
C THR B 194 17.86 5.05 40.13
N GLU B 195 17.35 5.88 41.05
CA GLU B 195 17.89 6.07 42.41
C GLU B 195 18.21 4.78 43.25
N MET B 196 17.32 3.77 43.20
CA MET B 196 17.54 2.50 43.90
C MET B 196 18.89 1.81 43.53
N THR B 197 19.42 2.12 42.34
CA THR B 197 20.55 1.34 41.79
C THR B 197 21.83 2.13 41.51
N LEU B 198 21.82 3.45 41.73
CA LEU B 198 22.99 4.30 41.38
C LEU B 198 24.27 3.90 42.14
N LYS B 199 24.11 3.68 43.45
CA LYS B 199 25.18 3.18 44.34
C LYS B 199 25.84 1.91 43.78
N MET B 200 25.01 0.96 43.37
CA MET B 200 25.49 -0.30 42.81
C MET B 200 26.16 -0.14 41.41
N ARG B 201 25.74 0.87 40.65
CA ARG B 201 26.28 1.16 39.31
C ARG B 201 27.69 1.75 39.36
N GLU B 202 28.00 2.48 40.43
CA GLU B 202 29.30 3.16 40.60
C GLU B 202 30.46 2.21 40.95
N ARG B 203 30.13 0.97 41.29
CA ARG B 203 31.13 -0.08 41.47
C ARG B 203 31.11 -0.98 40.22
N PRO B 204 32.16 -0.90 39.37
CA PRO B 204 32.31 -1.70 38.11
C PRO B 204 32.44 -3.22 38.30
N GLU B 205 33.11 -3.67 39.37
CA GLU B 205 33.08 -5.11 39.73
C GLU B 205 31.64 -5.69 39.90
N LEU B 206 30.65 -4.80 39.89
CA LEU B 206 29.23 -5.17 39.95
C LEU B 206 28.58 -4.86 38.58
N PHE B 207 28.68 -3.61 38.12
CA PHE B 207 27.99 -3.10 36.94
C PHE B 207 28.29 -3.87 35.67
N GLU B 208 29.51 -4.42 35.63
CA GLU B 208 30.03 -5.13 34.46
C GLU B 208 29.38 -6.50 34.31
N THR B 209 29.33 -7.22 35.43
CA THR B 209 28.59 -8.47 35.53
C THR B 209 27.15 -8.25 35.07
N TRP B 210 26.52 -7.20 35.59
CA TRP B 210 25.14 -6.81 35.27
C TRP B 210 24.87 -6.78 33.76
N LEU B 211 25.67 -6.03 33.04
CA LEU B 211 25.47 -5.86 31.60
C LEU B 211 25.84 -7.09 30.79
N ASP B 212 26.80 -7.87 31.29
CA ASP B 212 27.26 -9.05 30.58
C ASP B 212 26.24 -10.16 30.73
N MET B 213 25.46 -10.06 31.81
CA MET B 213 24.37 -10.96 32.12
C MET B 213 23.05 -10.51 31.45
N THR B 214 23.04 -9.36 30.79
CA THR B 214 21.82 -8.89 30.15
C THR B 214 21.96 -8.91 28.64
N PRO B 215 21.12 -9.70 27.93
CA PRO B 215 21.29 -9.84 26.48
C PRO B 215 21.35 -8.52 25.69
N MET B 216 20.50 -7.55 26.06
CA MET B 216 20.55 -6.23 25.42
C MET B 216 21.79 -5.41 25.87
N GLY B 217 22.53 -5.86 26.90
CA GLY B 217 23.82 -5.22 27.26
C GLY B 217 23.72 -3.79 27.85
N ARG B 218 22.54 -3.45 28.34
CA ARG B 218 22.28 -2.12 28.92
C ARG B 218 21.25 -2.25 30.02
N CYS B 219 21.22 -1.25 30.92
CA CYS B 219 20.16 -1.08 31.88
C CYS B 219 18.92 -0.57 31.13
N GLY B 220 17.75 -0.80 31.71
CA GLY B 220 16.62 -0.17 31.13
C GLY B 220 16.52 1.25 31.64
N GLU B 221 15.75 2.04 30.91
CA GLU B 221 15.44 3.41 31.30
C GLU B 221 14.08 3.38 31.98
N PRO B 222 13.86 4.29 32.97
CA PRO B 222 12.59 4.32 33.62
C PRO B 222 11.45 4.42 32.66
N SER B 223 11.58 5.19 31.59
CA SER B 223 10.48 5.29 30.63
C SER B 223 10.07 3.96 29.98
N GLU B 224 11.01 3.03 29.88
CA GLU B 224 10.77 1.68 29.34
C GLU B 224 9.96 0.81 30.30
N ILE B 225 10.08 1.12 31.50
CA ILE B 225 9.26 0.42 32.48
C ILE B 225 7.89 1.06 32.56
N ALA B 226 7.87 2.40 32.66
CA ALA B 226 6.60 3.18 32.57
C ALA B 226 5.62 2.84 31.44
N ALA B 227 6.15 2.72 30.22
CA ALA B 227 5.41 2.30 29.04
C ALA B 227 4.76 0.92 29.23
N ALA B 228 5.49 0.01 29.86
CA ALA B 228 4.94 -1.31 30.14
C ALA B 228 3.80 -1.21 31.17
N ALA B 229 3.97 -0.37 32.20
CA ALA B 229 2.93 -0.20 33.23
C ALA B 229 1.70 0.45 32.60
N LEU B 230 1.97 1.40 31.69
CA LEU B 230 0.92 2.13 31.00
C LEU B 230 0.07 1.13 30.27
N PHE B 231 0.72 0.25 29.53
CA PHE B 231 0.04 -0.85 28.84
C PHE B 231 -0.84 -1.69 29.77
N LEU B 232 -0.24 -2.20 30.83
CA LEU B 232 -0.98 -3.04 31.81
C LEU B 232 -2.16 -2.33 32.49
N ALA B 233 -2.01 -1.02 32.75
CA ALA B 233 -3.03 -0.26 33.48
C ALA B 233 -4.12 0.24 32.57
N SER B 234 -3.88 0.27 31.26
CA SER B 234 -4.90 0.78 30.29
C SER B 234 -5.93 -0.26 29.81
N PRO B 235 -7.04 0.19 29.16
CA PRO B 235 -7.97 -0.77 28.51
C PRO B 235 -7.36 -1.72 27.43
N ALA B 236 -6.15 -1.42 26.90
CA ALA B 236 -5.48 -2.34 25.98
C ALA B 236 -5.21 -3.72 26.61
N ALA B 237 -5.08 -3.76 27.94
CA ALA B 237 -4.71 -4.99 28.65
C ALA B 237 -5.94 -5.69 29.22
N SER B 238 -7.11 -5.42 28.61
CA SER B 238 -8.40 -5.87 29.20
C SER B 238 -8.58 -7.40 29.32
N TYR B 239 -7.80 -8.19 28.55
CA TYR B 239 -7.83 -9.66 28.76
C TYR B 239 -6.58 -10.16 29.52
N VAL B 240 -5.86 -9.23 30.17
CA VAL B 240 -4.60 -9.55 30.84
C VAL B 240 -4.78 -9.44 32.35
N THR B 241 -4.83 -10.57 33.01
CA THR B 241 -4.85 -10.58 34.46
C THR B 241 -4.06 -11.70 35.07
N GLY B 242 -3.40 -11.39 36.20
CA GLY B 242 -2.52 -12.33 36.92
C GLY B 242 -1.19 -12.59 36.16
N ALA B 243 -0.74 -11.65 35.33
CA ALA B 243 0.41 -11.89 34.45
C ALA B 243 1.64 -11.25 35.11
N ILE B 244 2.70 -11.91 34.91
CA ILE B 244 3.97 -11.37 35.36
C ILE B 244 4.68 -10.95 34.07
N LEU B 245 4.84 -9.62 33.80
CA LEU B 245 5.39 -9.16 32.52
C LEU B 245 6.89 -8.83 32.64
N ALA B 246 7.74 -9.65 32.04
CA ALA B 246 9.18 -9.41 32.18
C ALA B 246 9.65 -8.26 31.27
N VAL B 247 10.38 -7.31 31.85
CA VAL B 247 10.83 -6.09 31.17
C VAL B 247 12.32 -5.92 31.55
N ASP B 248 13.14 -6.77 30.97
CA ASP B 248 14.43 -7.04 31.59
C ASP B 248 15.57 -7.14 30.59
N GLY B 249 15.31 -6.71 29.35
CA GLY B 249 16.39 -6.75 28.36
C GLY B 249 16.88 -8.17 28.03
N GLY B 250 16.03 -9.13 28.41
CA GLY B 250 16.21 -10.59 28.23
C GLY B 250 16.91 -11.31 29.39
N TYR B 251 17.11 -10.64 30.52
CA TYR B 251 17.99 -11.16 31.56
C TYR B 251 17.58 -12.63 31.95
N THR B 252 16.26 -12.86 32.03
CA THR B 252 15.70 -14.14 32.44
C THR B 252 15.70 -15.22 31.35
N VAL B 253 15.90 -14.86 30.09
CA VAL B 253 16.10 -15.84 28.98
C VAL B 253 17.33 -16.74 29.19
N TRP B 254 18.43 -16.14 29.59
CA TRP B 254 19.69 -16.90 29.85
C TRP B 254 19.62 -17.61 31.17
N MET C 1 -20.55 24.59 -57.84
CA MET C 1 -19.67 24.87 -56.66
C MET C 1 -18.57 25.87 -57.03
N ASP C 2 -18.55 27.01 -56.35
CA ASP C 2 -17.73 28.15 -56.79
C ASP C 2 -16.28 28.07 -56.29
N TYR C 3 -15.35 27.86 -57.22
CA TYR C 3 -13.94 27.74 -56.86
C TYR C 3 -13.32 29.02 -56.30
N ARG C 4 -13.90 30.18 -56.63
CA ARG C 4 -13.44 31.45 -56.06
C ARG C 4 -13.83 31.68 -54.60
N THR C 5 -14.98 31.15 -54.18
CA THR C 5 -15.48 31.37 -52.81
C THR C 5 -15.43 30.15 -51.87
N VAL C 6 -15.05 28.99 -52.41
CA VAL C 6 -15.06 27.71 -51.66
C VAL C 6 -14.05 27.68 -50.48
N PHE C 7 -12.97 28.45 -50.57
CA PHE C 7 -11.96 28.56 -49.48
C PHE C 7 -12.32 29.59 -48.38
N ARG C 8 -13.34 30.38 -48.69
CA ARG C 8 -13.86 31.40 -47.79
C ARG C 8 -14.68 30.83 -46.63
N LEU C 9 -14.63 31.51 -45.50
CA LEU C 9 -15.48 31.17 -44.37
C LEU C 9 -16.52 32.27 -44.05
N ASP C 10 -16.80 33.15 -45.02
CA ASP C 10 -17.71 34.33 -44.79
C ASP C 10 -18.97 33.83 -44.18
N GLY C 11 -19.29 34.32 -42.99
CA GLY C 11 -20.54 33.92 -42.31
C GLY C 11 -20.43 32.81 -41.29
N ALA C 12 -19.31 32.10 -41.34
CA ALA C 12 -19.02 31.05 -40.38
C ALA C 12 -18.51 31.65 -39.08
N CYS C 13 -18.73 30.94 -38.00
CA CYS C 13 -18.13 31.33 -36.77
C CYS C 13 -17.31 30.15 -36.26
N ALA C 14 -16.06 30.44 -35.90
CA ALA C 14 -15.07 29.46 -35.46
C ALA C 14 -14.61 29.67 -34.01
N ALA C 15 -14.72 28.61 -33.21
CA ALA C 15 -14.14 28.50 -31.89
C ALA C 15 -12.72 27.94 -32.06
N VAL C 16 -11.73 28.64 -31.50
CA VAL C 16 -10.35 28.14 -31.47
C VAL C 16 -9.86 28.08 -30.00
N THR C 17 -9.36 26.91 -29.58
CA THR C 17 -8.63 26.76 -28.35
C THR C 17 -7.14 26.99 -28.65
N GLY C 18 -6.36 27.31 -27.63
CA GLY C 18 -4.99 27.80 -27.81
C GLY C 18 -4.85 29.04 -28.70
N ALA C 19 -5.92 29.83 -28.72
CA ALA C 19 -6.03 31.02 -29.55
C ALA C 19 -4.98 32.06 -29.18
N GLY C 20 -4.52 31.99 -27.95
CA GLY C 20 -3.65 33.01 -27.40
C GLY C 20 -2.27 33.05 -27.99
N SER C 21 -1.86 32.01 -28.72
CA SER C 21 -0.43 31.87 -29.13
C SER C 21 -0.20 30.93 -30.33
N GLY C 22 0.96 31.09 -30.98
CA GLY C 22 1.50 30.10 -31.92
C GLY C 22 0.55 29.75 -33.06
N ILE C 23 0.43 28.48 -33.26
CA ILE C 23 -0.40 28.03 -34.36
C ILE C 23 -1.89 28.37 -34.13
N GLY C 24 -2.39 28.44 -32.94
CA GLY C 24 -3.78 28.82 -32.66
C GLY C 24 -4.05 30.26 -33.05
N LEU C 25 -3.15 31.16 -32.68
CA LEU C 25 -3.23 32.56 -33.04
C LEU C 25 -3.10 32.83 -34.55
N GLU C 26 -2.15 32.15 -35.23
CA GLU C 26 -2.13 32.18 -36.73
C GLU C 26 -3.43 31.64 -37.42
N ILE C 27 -4.00 30.57 -36.86
CA ILE C 27 -5.28 30.06 -37.34
C ILE C 27 -6.36 31.11 -37.21
N CYS C 28 -6.47 31.77 -36.07
CA CYS C 28 -7.36 32.93 -35.98
C CYS C 28 -7.07 34.05 -37.01
N ARG C 29 -5.80 34.39 -37.23
CA ARG C 29 -5.52 35.38 -38.27
C ARG C 29 -6.11 34.98 -39.61
N ALA C 30 -5.83 33.72 -40.02
CA ALA C 30 -6.28 33.15 -41.29
C ALA C 30 -7.82 33.05 -41.40
N PHE C 31 -8.44 32.64 -40.33
CA PHE C 31 -9.87 32.51 -40.34
C PHE C 31 -10.55 33.87 -40.49
N ALA C 32 -10.03 34.88 -39.77
CA ALA C 32 -10.59 36.23 -39.85
C ALA C 32 -10.38 36.86 -41.22
N ALA C 33 -9.23 36.63 -41.84
CA ALA C 33 -8.99 37.06 -43.23
C ALA C 33 -9.98 36.41 -44.25
N SER C 34 -10.54 35.25 -43.87
CA SER C 34 -11.43 34.44 -44.73
C SER C 34 -12.92 34.70 -44.50
N GLY C 35 -13.21 35.60 -43.59
CA GLY C 35 -14.55 36.10 -43.36
C GLY C 35 -15.19 35.56 -42.11
N ALA C 36 -14.44 34.80 -41.32
CA ALA C 36 -14.98 34.17 -40.11
C ALA C 36 -15.04 35.08 -38.86
N ARG C 37 -16.00 34.84 -37.98
CA ARG C 37 -15.99 35.44 -36.66
C ARG C 37 -15.41 34.41 -35.74
N LEU C 38 -14.92 34.86 -34.58
CA LEU C 38 -14.13 33.99 -33.74
C LEU C 38 -14.49 34.00 -32.29
N ILE C 39 -14.21 32.78 -31.76
CA ILE C 39 -14.33 32.59 -30.34
C ILE C 39 -12.95 32.13 -29.81
N LEU C 40 -12.37 33.05 -29.02
CA LEU C 40 -10.96 32.85 -28.62
C LEU C 40 -11.00 32.16 -27.29
N ILE C 41 -10.38 30.98 -27.21
CA ILE C 41 -10.34 30.18 -25.95
C ILE C 41 -8.91 29.78 -25.62
N ASP C 42 -8.50 30.14 -24.42
CA ASP C 42 -7.14 29.91 -23.89
C ASP C 42 -7.21 30.08 -22.40
N ARG C 43 -6.33 29.39 -21.68
CA ARG C 43 -6.26 29.52 -20.22
C ARG C 43 -5.54 30.80 -19.80
N GLU C 44 -4.60 31.25 -20.63
CA GLU C 44 -3.79 32.42 -20.31
C GLU C 44 -4.54 33.73 -20.67
N ALA C 45 -5.11 34.36 -19.64
CA ALA C 45 -5.86 35.62 -19.75
C ALA C 45 -5.17 36.72 -20.57
N ALA C 46 -3.89 36.95 -20.29
CA ALA C 46 -3.08 37.99 -20.93
C ALA C 46 -2.95 37.80 -22.45
N ALA C 47 -2.55 36.59 -22.85
CA ALA C 47 -2.51 36.15 -24.24
C ALA C 47 -3.80 36.48 -25.03
N LEU C 48 -4.94 36.24 -24.39
CA LEU C 48 -6.26 36.48 -24.95
C LEU C 48 -6.56 37.93 -25.24
N ASP C 49 -6.11 38.85 -24.38
CA ASP C 49 -6.36 40.27 -24.62
C ASP C 49 -5.59 40.73 -25.80
N ARG C 50 -4.32 40.33 -25.82
CA ARG C 50 -3.42 40.68 -26.92
C ARG C 50 -3.92 40.11 -28.27
N ALA C 51 -4.33 38.84 -28.26
CA ALA C 51 -4.99 38.20 -29.41
C ALA C 51 -6.25 39.00 -29.83
N ALA C 52 -7.17 39.17 -28.88
CA ALA C 52 -8.45 39.86 -29.08
C ALA C 52 -8.28 41.25 -29.63
N GLN C 53 -7.37 42.00 -29.01
CA GLN C 53 -7.07 43.40 -29.35
C GLN C 53 -6.50 43.48 -30.76
N GLU C 54 -5.73 42.46 -31.15
CA GLU C 54 -5.18 42.32 -32.49
C GLU C 54 -6.23 41.97 -33.55
N LEU C 55 -7.14 41.09 -33.20
CA LEU C 55 -8.12 40.55 -34.15
C LEU C 55 -9.32 41.47 -34.38
N GLY C 56 -9.66 42.29 -33.38
CA GLY C 56 -10.69 43.33 -33.50
C GLY C 56 -12.11 42.84 -33.72
N ALA C 57 -12.80 43.46 -34.69
CA ALA C 57 -14.23 43.25 -34.92
C ALA C 57 -14.60 41.79 -35.25
N ALA C 58 -13.61 41.00 -35.67
CA ALA C 58 -13.79 39.59 -36.03
C ALA C 58 -14.13 38.74 -34.81
N VAL C 59 -13.68 39.18 -33.63
CA VAL C 59 -13.87 38.46 -32.36
C VAL C 59 -15.31 38.59 -31.88
N ALA C 60 -15.98 37.46 -31.75
CA ALA C 60 -17.35 37.45 -31.25
C ALA C 60 -17.36 37.32 -29.74
N ALA C 61 -16.32 36.67 -29.21
CA ALA C 61 -16.15 36.44 -27.78
C ALA C 61 -14.77 35.86 -27.50
N ARG C 62 -14.30 36.12 -26.29
CA ARG C 62 -13.05 35.61 -25.78
C ARG C 62 -13.32 35.08 -24.38
N ILE C 63 -12.94 33.89 -24.18
CA ILE C 63 -13.34 33.11 -23.03
C ILE C 63 -12.08 32.64 -22.33
N VAL C 64 -11.83 32.91 -21.08
CA VAL C 64 -10.76 32.32 -20.29
C VAL C 64 -11.21 31.00 -19.73
N ALA C 65 -10.60 29.93 -20.23
CA ALA C 65 -10.94 28.60 -19.79
C ALA C 65 -9.75 27.69 -20.01
N ASP C 66 -9.66 26.72 -19.13
CA ASP C 66 -8.74 25.64 -19.26
C ASP C 66 -9.48 24.44 -19.92
N VAL C 67 -8.97 23.95 -21.05
CA VAL C 67 -9.61 22.84 -21.79
C VAL C 67 -9.71 21.52 -20.99
N THR C 68 -8.89 21.36 -19.95
CA THR C 68 -8.95 20.12 -19.16
C THR C 68 -10.13 20.14 -18.20
N ASP C 69 -10.76 21.32 -18.06
CA ASP C 69 -12.02 21.47 -17.31
C ASP C 69 -13.22 21.25 -18.24
N ALA C 70 -13.69 20.02 -18.33
CA ALA C 70 -14.91 19.67 -19.05
C ALA C 70 -16.07 20.68 -18.79
N GLU C 71 -16.31 20.98 -17.52
CA GLU C 71 -17.39 21.87 -17.11
C GLU C 71 -17.27 23.27 -17.74
N ALA C 72 -16.04 23.80 -17.72
CA ALA C 72 -15.69 25.05 -18.37
C ALA C 72 -15.84 25.00 -19.89
N MET C 73 -15.56 23.84 -20.50
CA MET C 73 -15.68 23.69 -21.97
C MET C 73 -17.14 23.71 -22.41
N THR C 74 -17.94 22.93 -21.71
CA THR C 74 -19.38 22.99 -21.78
C THR C 74 -19.98 24.39 -21.54
N ALA C 75 -19.52 25.08 -20.49
CA ALA C 75 -19.95 26.46 -20.22
C ALA C 75 -19.64 27.38 -21.40
N ALA C 76 -18.45 27.13 -21.97
CA ALA C 76 -17.86 27.97 -23.00
C ALA C 76 -18.66 27.78 -24.28
N ALA C 77 -19.07 26.53 -24.52
CA ALA C 77 -19.96 26.16 -25.61
C ALA C 77 -21.31 26.91 -25.54
N ALA C 78 -21.89 26.96 -24.34
CA ALA C 78 -23.21 27.59 -24.16
C ALA C 78 -23.09 29.11 -24.32
N GLU C 79 -21.99 29.65 -23.82
CA GLU C 79 -21.71 31.05 -24.05
C GLU C 79 -21.51 31.41 -25.51
N ALA C 80 -20.70 30.64 -26.24
CA ALA C 80 -20.50 30.91 -27.66
C ALA C 80 -21.82 30.86 -28.46
N GLU C 81 -22.71 29.92 -28.14
CA GLU C 81 -23.91 29.72 -28.95
C GLU C 81 -24.92 30.88 -28.84
N ALA C 82 -24.97 31.52 -27.68
CA ALA C 82 -25.75 32.77 -27.51
C ALA C 82 -25.26 33.87 -28.45
N VAL C 83 -23.95 33.85 -28.69
CA VAL C 83 -23.25 34.97 -29.31
C VAL C 83 -23.02 34.78 -30.84
N ALA C 84 -22.83 33.53 -31.26
CA ALA C 84 -22.66 33.19 -32.66
C ALA C 84 -22.88 31.69 -32.88
N PRO C 85 -23.58 31.31 -33.97
CA PRO C 85 -23.61 29.85 -34.25
C PRO C 85 -22.19 29.32 -34.62
N VAL C 86 -21.54 28.60 -33.70
CA VAL C 86 -20.21 28.02 -33.95
C VAL C 86 -20.26 26.80 -34.92
N SER C 87 -19.78 27.00 -36.15
CA SER C 87 -19.78 25.96 -37.20
C SER C 87 -18.38 25.30 -37.45
N ILE C 88 -17.36 25.71 -36.79
CA ILE C 88 -15.95 25.29 -36.99
C ILE C 88 -15.35 25.21 -35.58
N LEU C 89 -14.71 24.25 -35.20
CA LEU C 89 -13.88 24.18 -34.00
C LEU C 89 -12.42 23.78 -34.34
N VAL C 90 -11.47 24.58 -33.85
CA VAL C 90 -10.06 24.23 -33.93
C VAL C 90 -9.51 23.94 -32.53
N ASN C 91 -9.07 22.70 -32.35
CA ASN C 91 -8.52 22.28 -31.11
C ASN C 91 -7.01 22.42 -31.23
N SER C 92 -6.54 23.62 -30.92
CA SER C 92 -5.09 23.91 -30.90
C SER C 92 -4.40 23.93 -29.51
N ALA C 93 -5.15 24.06 -28.41
CA ALA C 93 -4.58 24.04 -27.06
C ALA C 93 -3.69 22.81 -26.87
N GLY C 94 -2.41 23.00 -26.56
CA GLY C 94 -1.61 21.84 -26.15
C GLY C 94 -0.24 22.16 -25.61
N ILE C 95 0.44 21.14 -25.06
CA ILE C 95 1.77 21.32 -24.43
C ILE C 95 2.73 20.19 -24.76
N ALA C 96 4.01 20.48 -24.58
CA ALA C 96 5.04 19.48 -24.80
C ALA C 96 6.13 19.62 -23.71
N ARG C 97 6.42 18.50 -23.04
CA ARG C 97 7.43 18.42 -21.98
C ARG C 97 8.51 17.44 -22.37
N LEU C 98 9.79 17.83 -22.38
CA LEU C 98 10.87 16.86 -22.63
C LEU C 98 11.07 15.96 -21.40
N HIS C 99 11.05 14.64 -21.58
CA HIS C 99 11.37 13.77 -20.44
C HIS C 99 11.94 12.44 -20.92
N ASP C 100 12.94 11.90 -20.18
CA ASP C 100 13.36 10.50 -20.39
C ASP C 100 12.31 9.60 -19.71
N ALA C 101 11.93 8.51 -20.37
CA ALA C 101 10.85 7.59 -19.88
C ALA C 101 11.08 7.14 -18.43
N LEU C 102 12.32 6.69 -18.15
CA LEU C 102 12.73 6.24 -16.82
C LEU C 102 12.88 7.37 -15.79
N GLU C 103 12.90 8.62 -16.26
CA GLU C 103 12.94 9.79 -15.35
C GLU C 103 11.66 10.60 -15.53
N THR C 104 10.51 9.93 -15.54
CA THR C 104 9.24 10.64 -15.76
C THR C 104 8.52 10.84 -14.44
N ASP C 105 8.36 12.09 -14.04
CA ASP C 105 7.46 12.36 -12.93
C ASP C 105 6.03 12.04 -13.42
N ASP C 106 5.25 11.35 -12.59
CA ASP C 106 3.90 10.97 -12.96
C ASP C 106 3.08 12.13 -13.48
N ALA C 107 3.17 13.27 -12.80
CA ALA C 107 2.33 14.43 -13.05
C ALA C 107 2.54 15.04 -14.45
N THR C 108 3.78 15.03 -14.96
CA THR C 108 4.07 15.38 -16.35
C THR C 108 3.19 14.55 -17.33
N TRP C 109 3.22 13.23 -17.12
CA TRP C 109 2.60 12.29 -18.01
C TRP C 109 1.11 12.58 -18.00
N ARG C 110 0.55 12.68 -16.79
N ARG C 110 0.54 12.70 -16.80
CA ARG C 110 -0.87 13.00 -16.64
CA ARG C 110 -0.88 13.00 -16.61
C ARG C 110 -1.22 14.32 -17.31
C ARG C 110 -1.28 14.35 -17.20
N GLN C 111 -0.40 15.34 -17.04
CA GLN C 111 -0.63 16.70 -17.59
C GLN C 111 -0.62 16.77 -19.14
N VAL C 112 0.24 16.00 -19.79
CA VAL C 112 0.35 16.11 -21.27
C VAL C 112 -0.85 15.44 -21.94
N MET C 113 -1.22 14.26 -21.42
CA MET C 113 -2.41 13.52 -21.76
C MET C 113 -3.69 14.32 -21.43
N ALA C 114 -3.79 14.89 -20.22
CA ALA C 114 -4.90 15.80 -19.87
C ALA C 114 -5.21 16.89 -20.90
N VAL C 115 -4.23 17.71 -21.16
CA VAL C 115 -4.39 18.84 -22.05
C VAL C 115 -4.57 18.38 -23.52
N ASN C 116 -3.63 17.56 -24.01
CA ASN C 116 -3.58 17.13 -25.41
C ASN C 116 -4.66 16.20 -25.91
N VAL C 117 -5.13 15.30 -25.06
CA VAL C 117 -6.19 14.35 -25.42
C VAL C 117 -7.52 14.66 -24.71
N ASP C 118 -7.52 14.71 -23.38
CA ASP C 118 -8.79 14.93 -22.64
C ASP C 118 -9.44 16.24 -23.03
N GLY C 119 -8.66 17.31 -23.03
CA GLY C 119 -9.13 18.63 -23.40
C GLY C 119 -9.76 18.67 -24.78
N MET C 120 -9.16 17.91 -25.68
CA MET C 120 -9.60 17.91 -27.05
C MET C 120 -10.95 17.24 -27.08
N PHE C 121 -11.07 16.14 -26.36
CA PHE C 121 -12.36 15.54 -26.19
C PHE C 121 -13.43 16.45 -25.51
N TRP C 122 -13.12 17.06 -24.35
CA TRP C 122 -14.08 17.93 -23.66
C TRP C 122 -14.57 19.05 -24.61
N ALA C 123 -13.62 19.70 -25.32
CA ALA C 123 -14.00 20.78 -26.25
C ALA C 123 -14.81 20.29 -27.44
N SER C 124 -14.47 19.11 -27.94
CA SER C 124 -15.11 18.57 -29.14
C SER C 124 -16.54 18.13 -28.77
N ARG C 125 -16.71 17.50 -27.60
CA ARG C 125 -18.06 17.19 -27.07
C ARG C 125 -18.92 18.46 -26.86
N ALA C 126 -18.31 19.50 -26.34
CA ALA C 126 -19.06 20.69 -25.95
C ALA C 126 -19.50 21.47 -27.19
N PHE C 127 -18.56 21.75 -28.07
CA PHE C 127 -18.91 22.50 -29.30
C PHE C 127 -19.57 21.66 -30.40
N GLY C 128 -19.19 20.39 -30.50
CA GLY C 128 -19.85 19.43 -31.39
C GLY C 128 -21.32 19.16 -31.14
N ARG C 129 -21.80 19.36 -29.91
CA ARG C 129 -23.24 19.17 -29.62
C ARG C 129 -24.13 19.97 -30.59
N ALA C 130 -23.92 21.27 -30.71
CA ALA C 130 -24.78 22.08 -31.57
C ALA C 130 -24.52 21.81 -33.03
N MET C 131 -23.29 21.46 -33.38
CA MET C 131 -23.01 21.16 -34.78
C MET C 131 -23.78 19.90 -35.20
N VAL C 132 -23.73 18.88 -34.35
CA VAL C 132 -24.43 17.63 -34.59
C VAL C 132 -25.96 17.89 -34.72
N ALA C 133 -26.51 18.66 -33.80
CA ALA C 133 -27.92 19.10 -33.83
C ALA C 133 -28.23 19.88 -35.12
N ARG C 134 -27.37 20.78 -35.55
CA ARG C 134 -27.56 21.45 -36.84
C ARG C 134 -27.33 20.56 -38.07
N GLY C 135 -26.67 19.40 -37.91
CA GLY C 135 -26.30 18.57 -39.06
C GLY C 135 -25.23 19.19 -39.95
N ALA C 136 -24.34 20.00 -39.37
CA ALA C 136 -23.28 20.74 -40.12
C ALA C 136 -22.17 21.15 -39.17
N GLY C 137 -20.92 21.11 -39.62
CA GLY C 137 -19.83 21.48 -38.75
C GLY C 137 -18.50 20.96 -39.23
N ALA C 138 -17.42 21.68 -38.93
CA ALA C 138 -16.08 21.21 -39.27
C ALA C 138 -15.08 21.40 -38.12
N ILE C 139 -14.38 20.36 -37.71
CA ILE C 139 -13.46 20.32 -36.55
C ILE C 139 -12.06 20.04 -37.10
N VAL C 140 -11.17 20.77 -36.72
CA VAL C 140 -9.78 20.58 -37.14
C VAL C 140 -8.97 20.46 -35.85
N ASN C 141 -8.22 19.38 -35.72
CA ASN C 141 -7.37 19.08 -34.56
C ASN C 141 -5.90 19.18 -34.89
N LEU C 142 -5.16 19.73 -33.94
CA LEU C 142 -3.72 19.75 -34.05
C LEU C 142 -3.13 18.49 -33.48
N GLY C 143 -2.92 17.58 -34.43
CA GLY C 143 -2.16 16.37 -34.22
C GLY C 143 -0.73 16.80 -34.36
N SER C 144 0.09 15.90 -34.88
CA SER C 144 1.52 16.10 -35.05
C SER C 144 2.10 14.92 -35.83
N MET C 145 3.22 15.18 -36.55
CA MET C 145 4.04 14.07 -37.06
C MET C 145 4.35 13.08 -35.92
N SER C 146 4.46 13.61 -34.72
CA SER C 146 4.62 12.79 -33.48
C SER C 146 3.44 11.84 -33.09
N GLY C 147 2.33 11.92 -33.82
CA GLY C 147 1.22 10.96 -33.73
C GLY C 147 1.40 9.81 -34.70
N THR C 148 2.46 9.92 -35.53
CA THR C 148 2.79 8.96 -36.60
C THR C 148 4.20 8.27 -36.39
N ILE C 149 5.16 8.83 -36.03
CA ILE C 149 6.58 8.49 -35.86
C ILE C 149 6.98 9.13 -34.55
N VAL C 150 8.28 9.00 -34.21
CA VAL C 150 8.83 9.42 -32.93
C VAL C 150 9.99 10.36 -33.26
N ASN C 151 9.92 11.54 -32.64
CA ASN C 151 10.92 12.62 -32.81
C ASN C 151 12.28 12.22 -32.34
N ARG C 152 13.29 12.93 -32.80
CA ARG C 152 14.65 12.66 -32.35
C ARG C 152 15.48 13.95 -32.39
N PRO C 153 16.56 14.01 -31.57
CA PRO C 153 16.93 13.00 -30.55
C PRO C 153 16.28 13.18 -29.18
N GLN C 154 15.63 14.33 -28.96
CA GLN C 154 14.90 14.56 -27.75
C GLN C 154 13.84 13.47 -27.50
N PHE C 155 13.63 13.15 -26.23
CA PHE C 155 12.59 12.21 -25.75
C PHE C 155 11.43 12.91 -25.03
N ALA C 156 10.22 12.39 -25.24
CA ALA C 156 8.99 12.93 -24.64
C ALA C 156 7.88 11.96 -24.99
N SER C 157 7.96 10.80 -24.36
CA SER C 157 7.08 9.69 -24.73
C SER C 157 5.59 10.07 -24.53
N SER C 158 5.32 10.93 -23.55
CA SER C 158 3.95 11.42 -23.32
C SER C 158 3.37 12.19 -24.52
N TYR C 159 4.23 12.99 -25.18
CA TYR C 159 3.84 13.75 -26.36
C TYR C 159 3.49 12.81 -27.53
N MET C 160 4.36 11.83 -27.79
CA MET C 160 4.09 10.83 -28.81
C MET C 160 2.77 10.13 -28.52
N ALA C 161 2.57 9.66 -27.30
CA ALA C 161 1.34 8.85 -27.00
C ALA C 161 0.10 9.74 -27.13
N SER C 162 0.22 11.00 -26.66
CA SER C 162 -0.92 11.91 -26.72
C SER C 162 -1.35 12.19 -28.18
N LYS C 163 -0.38 12.32 -29.09
CA LYS C 163 -0.68 12.58 -30.50
C LYS C 163 -1.19 11.34 -31.26
N GLY C 164 -0.77 10.16 -30.80
CA GLY C 164 -1.29 8.90 -31.28
C GLY C 164 -2.79 8.89 -30.94
N ALA C 165 -3.11 9.32 -29.72
CA ALA C 165 -4.48 9.52 -29.26
C ALA C 165 -5.32 10.52 -30.04
N VAL C 166 -4.73 11.67 -30.30
CA VAL C 166 -5.38 12.74 -31.03
C VAL C 166 -5.70 12.24 -32.44
N HIS C 167 -4.76 11.55 -33.06
CA HIS C 167 -5.08 10.97 -34.37
C HIS C 167 -6.29 10.03 -34.35
N GLN C 168 -6.36 9.11 -33.39
CA GLN C 168 -7.50 8.17 -33.28
C GLN C 168 -8.83 8.78 -32.80
N LEU C 169 -8.76 9.71 -31.85
CA LEU C 169 -9.88 10.60 -31.46
C LEU C 169 -10.53 11.28 -32.67
N THR C 170 -9.69 11.89 -33.50
CA THR C 170 -10.14 12.59 -34.71
C THR C 170 -11.01 11.68 -35.59
N ARG C 171 -10.49 10.49 -35.84
CA ARG C 171 -11.12 9.51 -36.65
C ARG C 171 -12.36 8.84 -35.98
N ALA C 172 -12.33 8.66 -34.67
CA ALA C 172 -13.44 8.12 -33.94
C ALA C 172 -14.63 9.11 -34.03
N LEU C 173 -14.40 10.41 -33.83
CA LEU C 173 -15.52 11.36 -33.96
C LEU C 173 -15.93 11.59 -35.41
N ALA C 174 -14.98 11.47 -36.35
CA ALA C 174 -15.30 11.45 -37.79
C ALA C 174 -16.35 10.35 -38.13
N ALA C 175 -16.10 9.15 -37.63
CA ALA C 175 -16.91 8.01 -37.90
C ALA C 175 -18.28 8.18 -37.29
N GLU C 176 -18.30 8.59 -36.04
CA GLU C 176 -19.50 8.68 -35.22
C GLU C 176 -20.46 9.77 -35.76
N TRP C 177 -19.90 10.89 -36.26
CA TRP C 177 -20.66 12.09 -36.68
C TRP C 177 -20.81 12.40 -38.18
N ALA C 178 -20.28 11.53 -39.02
CA ALA C 178 -20.26 11.65 -40.48
C ALA C 178 -21.67 11.66 -41.08
N GLY C 179 -22.56 10.85 -40.51
CA GLY C 179 -23.96 10.68 -40.96
C GLY C 179 -24.81 11.89 -40.57
N ARG C 180 -24.26 12.72 -39.69
CA ARG C 180 -24.94 13.95 -39.21
C ARG C 180 -24.18 15.20 -39.65
N GLY C 181 -23.34 15.00 -40.66
CA GLY C 181 -22.80 16.10 -41.48
C GLY C 181 -21.75 16.96 -40.82
N VAL C 182 -21.04 16.39 -39.84
CA VAL C 182 -19.98 17.10 -39.11
C VAL C 182 -18.67 16.39 -39.40
N ARG C 183 -17.74 17.12 -40.03
CA ARG C 183 -16.43 16.57 -40.45
C ARG C 183 -15.40 16.80 -39.36
N VAL C 184 -14.49 15.81 -39.20
CA VAL C 184 -13.48 15.87 -38.15
C VAL C 184 -12.17 15.35 -38.75
N ASN C 185 -11.21 16.28 -38.84
CA ASN C 185 -9.88 16.07 -39.43
C ASN C 185 -8.70 16.50 -38.52
N ALA C 186 -7.50 15.96 -38.79
CA ALA C 186 -6.31 16.40 -38.06
C ALA C 186 -5.19 16.85 -38.97
N LEU C 187 -4.56 17.95 -38.58
CA LEU C 187 -3.29 18.36 -39.12
C LEU C 187 -2.20 17.61 -38.37
N ALA C 188 -1.20 17.13 -39.10
CA ALA C 188 -0.07 16.47 -38.48
C ALA C 188 1.22 17.25 -38.85
N PRO C 189 1.42 18.42 -38.20
CA PRO C 189 2.57 19.28 -38.60
C PRO C 189 3.93 18.70 -38.20
N GLY C 190 4.96 19.02 -38.98
CA GLY C 190 6.34 18.78 -38.53
C GLY C 190 6.74 19.96 -37.61
N TYR C 191 8.03 20.20 -37.47
CA TYR C 191 8.53 21.35 -36.71
C TYR C 191 8.01 22.72 -37.23
N VAL C 192 7.69 23.61 -36.30
CA VAL C 192 7.10 24.91 -36.64
C VAL C 192 7.69 25.93 -35.70
N ALA C 193 8.25 27.00 -36.23
CA ALA C 193 8.75 28.10 -35.42
C ALA C 193 7.60 28.79 -34.64
N THR C 194 7.35 28.30 -33.42
CA THR C 194 6.40 28.93 -32.47
C THR C 194 6.97 28.94 -31.06
N GLU C 195 6.17 29.41 -30.10
CA GLU C 195 6.63 29.49 -28.70
C GLU C 195 6.91 28.10 -28.13
N MET C 196 6.25 27.09 -28.67
CA MET C 196 6.38 25.70 -28.18
C MET C 196 7.79 25.14 -28.39
N THR C 197 8.41 25.55 -29.48
CA THR C 197 9.71 25.03 -29.88
C THR C 197 10.79 26.11 -29.82
N LEU C 198 10.48 27.22 -29.15
CA LEU C 198 11.42 28.35 -28.93
C LEU C 198 12.77 27.89 -28.31
N LYS C 199 12.71 27.38 -27.08
CA LYS C 199 13.88 26.91 -26.33
C LYS C 199 14.76 25.87 -27.05
N MET C 200 14.13 24.99 -27.83
CA MET C 200 14.78 23.85 -28.46
C MET C 200 15.50 24.19 -29.77
N ARG C 201 14.98 25.16 -30.51
CA ARG C 201 15.67 25.65 -31.73
C ARG C 201 16.96 26.36 -31.38
N GLU C 202 17.02 26.81 -30.12
CA GLU C 202 18.20 27.47 -29.56
C GLU C 202 19.35 26.49 -29.29
N ARG C 203 19.03 25.19 -29.30
CA ARG C 203 20.04 24.14 -29.13
C ARG C 203 20.43 23.57 -30.52
N PRO C 204 21.70 23.75 -30.95
CA PRO C 204 22.16 23.16 -32.24
C PRO C 204 22.14 21.62 -32.29
N GLU C 205 22.31 21.00 -31.12
CA GLU C 205 22.32 19.53 -30.98
C GLU C 205 20.93 18.92 -31.20
N LEU C 206 19.89 19.70 -30.95
CA LEU C 206 18.57 19.31 -31.40
C LEU C 206 18.38 19.82 -32.85
N PHE C 207 18.48 21.14 -33.04
CA PHE C 207 18.01 21.83 -34.24
C PHE C 207 18.63 21.40 -35.56
N GLU C 208 19.89 20.96 -35.50
CA GLU C 208 20.66 20.51 -36.67
C GLU C 208 20.05 19.22 -37.19
N THR C 209 19.80 18.30 -36.25
CA THR C 209 19.15 17.02 -36.52
C THR C 209 17.78 17.26 -37.14
N TRP C 210 17.02 18.19 -36.53
CA TRP C 210 15.69 18.59 -36.98
C TRP C 210 15.70 18.94 -38.46
N LEU C 211 16.62 19.84 -38.83
CA LEU C 211 16.76 20.38 -40.19
C LEU C 211 17.30 19.35 -41.18
N ASP C 212 18.25 18.56 -40.71
CA ASP C 212 18.81 17.48 -41.46
C ASP C 212 17.83 16.30 -41.68
N MET C 213 16.84 16.15 -40.78
CA MET C 213 15.81 15.11 -40.91
C MET C 213 14.58 15.53 -41.71
N THR C 214 14.59 16.77 -42.18
CA THR C 214 13.44 17.33 -42.91
C THR C 214 13.90 17.51 -44.36
N PRO C 215 13.28 16.77 -45.30
CA PRO C 215 13.55 16.89 -46.74
C PRO C 215 13.59 18.33 -47.26
N MET C 216 12.65 19.17 -46.79
CA MET C 216 12.67 20.58 -47.13
C MET C 216 13.78 21.42 -46.41
N GLY C 217 14.46 20.82 -45.42
CA GLY C 217 15.50 21.49 -44.67
C GLY C 217 15.10 22.81 -44.01
N ARG C 218 13.83 22.91 -43.59
CA ARG C 218 13.42 24.06 -42.82
C ARG C 218 12.24 23.68 -41.94
N CYS C 219 12.07 24.44 -40.86
CA CYS C 219 10.87 24.41 -40.07
C CYS C 219 9.79 25.06 -40.90
N GLY C 220 8.55 24.74 -40.60
CA GLY C 220 7.45 25.44 -41.22
C GLY C 220 7.16 26.72 -40.46
N GLU C 221 6.55 27.67 -41.15
CA GLU C 221 6.06 28.89 -40.53
C GLU C 221 4.65 28.65 -40.03
N PRO C 222 4.24 29.31 -38.91
CA PRO C 222 2.84 29.20 -38.48
C PRO C 222 1.80 29.31 -39.60
N SER C 223 2.01 30.22 -40.54
CA SER C 223 1.11 30.48 -41.67
C SER C 223 0.90 29.29 -42.61
N GLU C 224 1.89 28.41 -42.70
CA GLU C 224 1.82 27.26 -43.62
C GLU C 224 0.95 26.16 -42.98
N ILE C 225 0.91 26.16 -41.68
CA ILE C 225 0.08 25.29 -40.93
C ILE C 225 -1.36 25.84 -40.95
N ALA C 226 -1.53 27.14 -40.68
CA ALA C 226 -2.86 27.82 -40.74
C ALA C 226 -3.54 27.68 -42.10
N ALA C 227 -2.75 27.72 -43.18
CA ALA C 227 -3.28 27.64 -44.53
C ALA C 227 -3.98 26.27 -44.76
N ALA C 228 -3.36 25.20 -44.26
CA ALA C 228 -3.86 23.82 -44.29
C ALA C 228 -5.09 23.67 -43.35
N ALA C 229 -5.06 24.41 -42.22
CA ALA C 229 -6.20 24.45 -41.31
C ALA C 229 -7.44 25.07 -42.00
N LEU C 230 -7.24 26.22 -42.64
CA LEU C 230 -8.25 26.86 -43.47
C LEU C 230 -8.88 25.93 -44.51
N PHE C 231 -8.05 25.22 -45.27
CA PHE C 231 -8.53 24.25 -46.21
C PHE C 231 -9.47 23.23 -45.52
N LEU C 232 -9.00 22.63 -44.43
CA LEU C 232 -9.80 21.60 -43.74
C LEU C 232 -11.06 22.14 -43.11
N ALA C 233 -11.03 23.41 -42.67
CA ALA C 233 -12.21 23.96 -42.00
C ALA C 233 -13.27 24.42 -43.01
N SER C 234 -12.84 24.56 -44.25
CA SER C 234 -13.59 25.21 -45.35
C SER C 234 -14.41 24.21 -46.13
N PRO C 235 -15.54 24.67 -46.75
CA PRO C 235 -16.31 23.89 -47.76
C PRO C 235 -15.49 23.13 -48.84
N ALA C 236 -14.26 23.57 -49.09
CA ALA C 236 -13.39 22.94 -50.06
C ALA C 236 -13.06 21.50 -49.67
N ALA C 237 -13.09 21.21 -48.35
CA ALA C 237 -12.80 19.85 -47.83
C ALA C 237 -14.10 19.10 -47.52
N SER C 238 -15.13 19.36 -48.30
CA SER C 238 -16.46 18.75 -48.08
C SER C 238 -16.48 17.21 -48.15
N TYR C 239 -15.63 16.59 -48.97
CA TYR C 239 -15.52 15.09 -48.97
C TYR C 239 -14.36 14.51 -48.08
N VAL C 240 -13.81 15.37 -47.23
CA VAL C 240 -12.66 15.02 -46.37
C VAL C 240 -13.10 14.87 -44.95
N THR C 241 -13.00 13.66 -44.43
CA THR C 241 -13.30 13.45 -43.02
C THR C 241 -12.50 12.25 -42.47
N GLY C 242 -12.12 12.30 -41.21
CA GLY C 242 -11.23 11.29 -40.60
C GLY C 242 -9.81 11.28 -41.16
N ALA C 243 -9.40 12.34 -41.88
CA ALA C 243 -8.07 12.37 -42.51
C ALA C 243 -7.03 12.91 -41.58
N ILE C 244 -5.82 12.28 -41.76
CA ILE C 244 -4.68 12.86 -41.03
C ILE C 244 -3.77 13.59 -42.03
N LEU C 245 -3.84 15.01 -42.13
CA LEU C 245 -3.03 15.70 -43.15
C LEU C 245 -1.66 16.08 -42.62
N ALA C 246 -0.63 15.39 -43.13
CA ALA C 246 0.79 15.68 -42.92
C ALA C 246 1.20 17.04 -43.51
N VAL C 247 1.72 17.94 -42.66
CA VAL C 247 2.26 19.25 -43.15
C VAL C 247 3.62 19.39 -42.46
N ASP C 248 4.63 18.71 -43.02
CA ASP C 248 5.86 18.40 -42.26
C ASP C 248 7.11 18.51 -43.03
N GLY C 249 7.04 19.15 -44.20
CA GLY C 249 8.27 19.44 -44.99
C GLY C 249 8.88 18.17 -45.51
N GLY C 250 8.10 17.09 -45.46
CA GLY C 250 8.58 15.74 -45.88
C GLY C 250 9.06 14.79 -44.78
N TYR C 251 9.04 15.27 -43.54
CA TYR C 251 9.66 14.57 -42.40
C TYR C 251 9.28 13.11 -42.33
N THR C 252 7.99 12.81 -42.45
CA THR C 252 7.49 11.42 -42.31
C THR C 252 7.78 10.54 -43.56
N VAL C 253 8.14 11.15 -44.68
CA VAL C 253 8.42 10.44 -45.91
C VAL C 253 9.64 9.49 -45.78
N TRP C 254 10.67 9.96 -45.07
CA TRP C 254 11.93 9.18 -44.84
C TRP C 254 11.75 8.23 -43.63
N MET D 1 22.73 -20.73 -35.18
CA MET D 1 21.28 -20.42 -34.99
C MET D 1 20.41 -21.68 -35.24
N ASP D 2 19.61 -22.00 -34.23
CA ASP D 2 18.67 -23.13 -34.22
C ASP D 2 17.22 -22.64 -34.36
N TYR D 3 16.63 -22.85 -35.54
CA TYR D 3 15.29 -22.40 -35.83
C TYR D 3 14.26 -23.24 -35.09
N ARG D 4 14.69 -24.42 -34.63
CA ARG D 4 13.79 -25.35 -33.98
C ARG D 4 13.42 -24.84 -32.58
N THR D 5 14.27 -23.98 -32.01
CA THR D 5 14.10 -23.45 -30.68
C THR D 5 14.18 -21.91 -30.55
N VAL D 6 14.28 -21.20 -31.67
CA VAL D 6 14.40 -19.73 -31.67
C VAL D 6 13.13 -19.06 -31.14
N PHE D 7 12.01 -19.78 -31.22
CA PHE D 7 10.79 -19.22 -30.66
C PHE D 7 10.65 -19.53 -29.18
N ARG D 8 11.60 -20.22 -28.56
CA ARG D 8 11.37 -20.57 -27.13
C ARG D 8 11.76 -19.42 -26.15
N LEU D 9 11.30 -19.52 -24.91
CA LEU D 9 11.54 -18.52 -23.86
C LEU D 9 12.27 -19.16 -22.69
N ASP D 10 13.02 -20.24 -22.95
CA ASP D 10 13.78 -20.98 -21.91
C ASP D 10 14.56 -20.09 -21.03
N GLY D 11 14.29 -20.13 -19.73
CA GLY D 11 15.13 -19.43 -18.76
C GLY D 11 14.78 -17.96 -18.63
N ALA D 12 13.71 -17.54 -19.31
CA ALA D 12 13.22 -16.19 -19.29
C ALA D 12 12.27 -16.07 -18.14
N CYS D 13 12.19 -14.88 -17.58
CA CYS D 13 11.09 -14.60 -16.68
C CYS D 13 10.24 -13.50 -17.29
N ALA D 14 8.94 -13.76 -17.41
CA ALA D 14 8.04 -12.81 -18.07
C ALA D 14 7.02 -12.25 -17.10
N ALA D 15 6.82 -10.92 -17.12
CA ALA D 15 5.72 -10.31 -16.37
C ALA D 15 4.50 -10.08 -17.30
N VAL D 16 3.33 -10.50 -16.86
CA VAL D 16 2.14 -10.31 -17.70
C VAL D 16 1.08 -9.58 -16.90
N THR D 17 0.67 -8.39 -17.36
CA THR D 17 -0.46 -7.67 -16.71
C THR D 17 -1.80 -8.13 -17.33
N GLY D 18 -2.86 -8.09 -16.55
CA GLY D 18 -4.12 -8.71 -16.98
C GLY D 18 -4.07 -10.24 -17.08
N ALA D 19 -3.18 -10.85 -16.30
CA ALA D 19 -2.94 -12.30 -16.30
C ALA D 19 -4.13 -13.17 -15.91
N GLY D 20 -5.21 -12.58 -15.40
CA GLY D 20 -6.32 -13.35 -14.81
C GLY D 20 -7.35 -13.95 -15.79
N SER D 21 -7.63 -13.22 -16.88
CA SER D 21 -8.50 -13.74 -17.95
C SER D 21 -8.05 -13.46 -19.41
N GLY D 22 -8.79 -14.07 -20.34
CA GLY D 22 -8.67 -13.76 -21.75
C GLY D 22 -7.32 -13.98 -22.38
N ILE D 23 -6.90 -13.18 -23.03
CA ILE D 23 -5.65 -13.13 -23.78
C ILE D 23 -4.44 -13.21 -22.78
N GLY D 24 -4.31 -12.19 -21.89
CA GLY D 24 -3.32 -12.33 -20.80
C GLY D 24 -3.18 -13.75 -20.24
N LEU D 25 -4.29 -14.35 -19.81
CA LEU D 25 -4.22 -15.73 -19.33
C LEU D 25 -3.63 -16.65 -20.43
N GLU D 26 -4.09 -16.50 -21.67
CA GLU D 26 -3.64 -17.44 -22.73
C GLU D 26 -2.14 -17.24 -23.06
N ILE D 27 -1.64 -16.16 -23.17
CA ILE D 27 -0.22 -15.85 -23.20
C ILE D 27 0.54 -16.46 -22.01
N CYS D 28 -0.03 -16.29 -20.78
CA CYS D 28 0.64 -17.00 -19.71
C CYS D 28 0.85 -18.49 -20.05
N ARG D 29 -0.21 -19.15 -20.51
CA ARG D 29 -0.12 -20.56 -20.94
C ARG D 29 0.89 -20.73 -22.09
N ALA D 30 0.78 -19.93 -23.16
CA ALA D 30 1.84 -19.99 -24.21
C ALA D 30 3.28 -19.74 -23.68
N PHE D 31 3.46 -18.79 -22.80
CA PHE D 31 4.86 -18.52 -22.31
C PHE D 31 5.43 -19.62 -21.42
N ALA D 32 4.56 -20.14 -20.56
CA ALA D 32 4.88 -21.27 -19.71
C ALA D 32 5.18 -22.50 -20.57
N ALA D 33 4.38 -22.75 -21.63
CA ALA D 33 4.69 -23.92 -22.48
C ALA D 33 5.99 -23.73 -23.27
N SER D 34 6.40 -22.49 -23.50
CA SER D 34 7.68 -22.15 -24.13
C SER D 34 8.88 -22.05 -23.22
N GLY D 35 8.68 -22.36 -21.95
CA GLY D 35 9.82 -22.47 -21.06
C GLY D 35 10.09 -21.30 -20.17
N ALA D 36 9.19 -20.31 -20.14
CA ALA D 36 9.38 -19.13 -19.29
C ALA D 36 8.77 -19.30 -17.87
N ARG D 37 9.30 -18.57 -16.91
CA ARG D 37 8.68 -18.39 -15.57
C ARG D 37 7.89 -17.09 -15.60
N LEU D 38 6.82 -17.00 -14.82
CA LEU D 38 5.86 -15.89 -14.94
C LEU D 38 5.69 -15.13 -13.63
N ILE D 39 5.46 -14.01 -13.82
CA ILE D 39 4.96 -13.15 -12.77
C ILE D 39 3.57 -12.74 -13.20
N LEU D 40 2.63 -13.08 -12.55
CA LEU D 40 1.22 -12.82 -12.87
C LEU D 40 0.72 -11.57 -12.15
N ILE D 41 0.11 -10.65 -12.88
CA ILE D 41 -0.36 -9.41 -12.34
C ILE D 41 -1.82 -9.14 -12.80
N ASP D 42 -2.72 -8.98 -11.83
CA ASP D 42 -4.09 -8.52 -12.14
C ASP D 42 -4.68 -7.80 -10.93
N ARG D 43 -5.64 -6.88 -11.14
CA ARG D 43 -6.36 -6.26 -10.00
C ARG D 43 -7.43 -7.19 -9.45
N GLU D 44 -7.93 -8.10 -10.28
CA GLU D 44 -8.93 -9.10 -9.84
C GLU D 44 -8.22 -10.36 -9.27
N ALA D 45 -8.13 -10.37 -7.94
CA ALA D 45 -7.50 -11.47 -7.19
C ALA D 45 -8.04 -12.89 -7.51
N ALA D 46 -9.36 -13.04 -7.48
CA ALA D 46 -10.01 -14.35 -7.69
C ALA D 46 -9.47 -14.99 -8.96
N ALA D 47 -9.60 -14.25 -10.07
CA ALA D 47 -9.10 -14.69 -11.37
C ALA D 47 -7.59 -15.01 -11.28
N LEU D 48 -6.85 -14.11 -10.63
CA LEU D 48 -5.41 -14.30 -10.47
C LEU D 48 -5.10 -15.63 -9.76
N ASP D 49 -5.99 -16.05 -8.86
CA ASP D 49 -5.79 -17.34 -8.15
C ASP D 49 -5.98 -18.57 -9.05
N ARG D 50 -6.93 -18.47 -9.97
CA ARG D 50 -7.17 -19.52 -10.98
C ARG D 50 -5.95 -19.72 -11.88
N ALA D 51 -5.47 -18.61 -12.44
CA ALA D 51 -4.26 -18.58 -13.26
C ALA D 51 -3.12 -19.37 -12.61
N ALA D 52 -2.82 -19.00 -11.37
CA ALA D 52 -1.64 -19.53 -10.65
C ALA D 52 -1.75 -21.04 -10.43
N GLN D 53 -2.98 -21.50 -10.12
CA GLN D 53 -3.29 -22.92 -9.88
C GLN D 53 -2.97 -23.75 -11.13
N GLU D 54 -3.49 -23.27 -12.27
CA GLU D 54 -3.31 -23.93 -13.56
C GLU D 54 -1.88 -23.92 -14.12
N LEU D 55 -1.13 -22.85 -13.88
CA LEU D 55 0.20 -22.75 -14.48
C LEU D 55 1.26 -23.41 -13.61
N GLY D 56 0.97 -23.52 -12.33
CA GLY D 56 1.80 -24.31 -11.43
C GLY D 56 3.21 -23.77 -11.23
N ALA D 57 4.20 -24.61 -11.50
CA ALA D 57 5.59 -24.35 -11.10
C ALA D 57 6.26 -23.27 -11.97
N ALA D 58 5.64 -22.94 -13.10
CA ALA D 58 6.09 -21.90 -14.01
C ALA D 58 5.83 -20.52 -13.42
N VAL D 59 5.01 -20.49 -12.39
CA VAL D 59 4.65 -19.26 -11.72
C VAL D 59 5.78 -18.98 -10.77
N ALA D 60 6.38 -17.82 -10.93
CA ALA D 60 7.46 -17.34 -10.07
C ALA D 60 6.90 -16.44 -8.96
N ALA D 61 5.82 -15.74 -9.24
CA ALA D 61 5.21 -14.81 -8.30
C ALA D 61 3.86 -14.38 -8.83
N ARG D 62 3.00 -13.97 -7.91
CA ARG D 62 1.65 -13.59 -8.21
C ARG D 62 1.40 -12.27 -7.46
N ILE D 63 1.08 -11.52 -8.06
CA ILE D 63 1.08 -10.17 -7.53
C ILE D 63 -0.24 -9.49 -7.81
N VAL D 64 -1.15 -8.95 -6.91
CA VAL D 64 -2.37 -8.14 -7.06
C VAL D 64 -1.95 -6.66 -7.01
N ALA D 65 -2.16 -6.00 -8.14
CA ALA D 65 -1.96 -4.59 -8.24
C ALA D 65 -2.92 -4.04 -9.29
N ASP D 66 -3.29 -2.78 -9.12
CA ASP D 66 -4.09 -2.02 -10.07
C ASP D 66 -3.05 -1.29 -10.95
N VAL D 67 -3.06 -1.55 -12.27
CA VAL D 67 -2.07 -0.90 -13.15
C VAL D 67 -2.13 0.60 -13.16
N THR D 68 -3.27 1.18 -12.74
CA THR D 68 -3.42 2.65 -12.72
C THR D 68 -2.73 3.32 -11.55
N ASP D 69 -2.31 2.54 -10.57
CA ASP D 69 -1.48 3.04 -9.46
C ASP D 69 0.03 2.93 -9.81
N ALA D 70 0.63 4.04 -10.13
CA ALA D 70 2.03 4.08 -10.54
C ALA D 70 3.00 3.50 -9.46
N GLU D 71 2.66 3.75 -8.18
CA GLU D 71 3.43 3.23 -7.05
C GLU D 71 3.30 1.72 -6.93
N ALA D 72 2.07 1.20 -7.07
CA ALA D 72 1.82 -0.22 -7.19
C ALA D 72 2.68 -0.91 -8.27
N MET D 73 2.83 -0.26 -9.42
CA MET D 73 3.64 -0.80 -10.51
C MET D 73 5.11 -0.76 -10.18
N THR D 74 5.58 0.35 -9.61
CA THR D 74 6.99 0.44 -9.17
C THR D 74 7.32 -0.67 -8.14
N ALA D 75 6.37 -0.91 -7.25
CA ALA D 75 6.56 -1.89 -6.15
C ALA D 75 6.56 -3.31 -6.68
N ALA D 76 5.59 -3.58 -7.57
CA ALA D 76 5.46 -4.85 -8.28
C ALA D 76 6.76 -5.26 -9.03
N ALA D 77 7.39 -4.30 -9.70
CA ALA D 77 8.62 -4.53 -10.46
C ALA D 77 9.80 -4.82 -9.52
N ALA D 78 9.94 -4.04 -8.45
CA ALA D 78 10.81 -4.34 -7.32
C ALA D 78 10.63 -5.77 -6.79
N GLU D 79 9.41 -6.17 -6.44
CA GLU D 79 9.10 -7.53 -5.93
C GLU D 79 9.49 -8.62 -6.91
N ALA D 80 9.13 -8.42 -8.18
CA ALA D 80 9.48 -9.37 -9.27
C ALA D 80 10.96 -9.60 -9.37
N GLU D 81 11.70 -8.49 -9.40
CA GLU D 81 13.15 -8.51 -9.53
C GLU D 81 13.85 -9.26 -8.40
N ALA D 82 13.32 -9.13 -7.18
CA ALA D 82 13.75 -9.91 -5.99
C ALA D 82 13.63 -11.43 -6.15
N VAL D 83 12.67 -11.88 -6.97
CA VAL D 83 12.42 -13.32 -7.25
C VAL D 83 13.10 -13.78 -8.51
N ALA D 84 13.04 -12.97 -9.58
CA ALA D 84 13.91 -13.21 -10.76
C ALA D 84 14.11 -11.92 -11.61
N PRO D 85 15.22 -11.80 -12.35
CA PRO D 85 15.25 -10.66 -13.29
C PRO D 85 14.17 -10.84 -14.38
N VAL D 86 13.30 -9.86 -14.54
CA VAL D 86 12.27 -9.93 -15.53
C VAL D 86 12.85 -9.47 -16.89
N SER D 87 12.93 -10.38 -17.86
CA SER D 87 13.37 -9.99 -19.22
C SER D 87 12.23 -9.71 -20.26
N ILE D 88 10.99 -10.12 -19.94
CA ILE D 88 9.81 -9.94 -20.82
C ILE D 88 8.68 -9.28 -20.01
N LEU D 89 8.00 -8.30 -20.62
CA LEU D 89 6.77 -7.72 -20.07
C LEU D 89 5.69 -7.72 -21.16
N VAL D 90 4.52 -8.28 -20.82
CA VAL D 90 3.34 -8.20 -21.64
C VAL D 90 2.34 -7.30 -20.93
N ASN D 91 1.90 -6.25 -21.59
CA ASN D 91 0.88 -5.30 -21.09
C ASN D 91 -0.49 -5.67 -21.69
N SER D 92 -1.22 -6.49 -20.95
CA SER D 92 -2.49 -6.97 -21.45
C SER D 92 -3.73 -6.36 -20.72
N ALA D 93 -3.50 -5.74 -19.57
CA ALA D 93 -4.58 -5.14 -18.81
C ALA D 93 -5.15 -4.03 -19.65
N GLY D 94 -6.45 -4.08 -19.91
CA GLY D 94 -7.13 -2.99 -20.60
C GLY D 94 -8.64 -3.18 -20.46
N ILE D 95 -9.41 -2.47 -20.70
CA ILE D 95 -10.85 -2.41 -20.56
C ILE D 95 -11.48 -1.70 -21.78
N ALA D 96 -12.75 -1.76 -22.06
CA ALA D 96 -13.58 -1.13 -23.10
C ALA D 96 -14.98 -0.79 -22.55
N ARG D 97 -15.47 0.38 -22.96
CA ARG D 97 -16.75 0.88 -22.51
C ARG D 97 -17.42 1.49 -23.75
N LEU D 98 -18.60 0.98 -24.10
CA LEU D 98 -19.42 1.62 -25.10
C LEU D 98 -19.95 2.98 -24.58
N HIS D 99 -20.06 3.94 -25.48
CA HIS D 99 -20.50 5.28 -25.07
C HIS D 99 -20.55 6.14 -26.30
N ASP D 100 -21.61 6.91 -26.40
CA ASP D 100 -21.74 7.89 -27.46
C ASP D 100 -21.02 9.16 -27.01
N ALA D 101 -20.26 9.75 -27.93
CA ALA D 101 -19.45 10.94 -27.64
C ALA D 101 -20.17 12.11 -26.94
N LEU D 102 -21.39 12.47 -27.39
CA LEU D 102 -22.18 13.51 -26.68
C LEU D 102 -22.89 13.03 -25.39
N GLU D 103 -22.94 11.71 -25.15
CA GLU D 103 -23.52 11.15 -23.92
C GLU D 103 -22.44 10.65 -22.94
N THR D 104 -21.21 11.13 -23.07
CA THR D 104 -20.12 10.53 -22.32
C THR D 104 -20.06 11.13 -20.92
N ASP D 105 -19.98 10.30 -19.89
CA ASP D 105 -19.60 10.89 -18.61
C ASP D 105 -18.09 10.96 -18.46
N ASP D 106 -17.64 12.06 -17.87
CA ASP D 106 -16.22 12.32 -17.71
C ASP D 106 -15.45 11.10 -17.23
N ALA D 107 -15.96 10.49 -16.15
CA ALA D 107 -15.30 9.39 -15.45
C ALA D 107 -14.99 8.21 -16.37
N THR D 108 -15.97 7.81 -17.19
CA THR D 108 -15.79 6.74 -18.21
C THR D 108 -14.60 7.02 -19.12
N TRP D 109 -14.55 8.20 -19.74
CA TRP D 109 -13.43 8.59 -20.61
C TRP D 109 -12.11 8.54 -19.83
N ARG D 110 -12.16 9.10 -18.62
N ARG D 110 -12.13 9.08 -18.61
CA ARG D 110 -11.04 9.08 -17.69
CA ARG D 110 -10.96 9.08 -17.75
C ARG D 110 -10.48 7.69 -17.40
C ARG D 110 -10.46 7.69 -17.36
N GLN D 111 -11.38 6.76 -17.14
CA GLN D 111 -11.02 5.40 -16.72
C GLN D 111 -10.42 4.52 -17.81
N VAL D 112 -10.96 4.63 -19.02
CA VAL D 112 -10.44 3.91 -20.19
C VAL D 112 -9.00 4.40 -20.43
N MET D 113 -8.79 5.71 -20.49
CA MET D 113 -7.47 6.29 -20.66
C MET D 113 -6.49 5.87 -19.55
N ALA D 114 -6.94 5.91 -18.31
CA ALA D 114 -6.12 5.56 -17.17
C ALA D 114 -5.60 4.10 -17.23
N VAL D 115 -6.46 3.13 -17.47
CA VAL D 115 -6.02 1.72 -17.60
C VAL D 115 -5.19 1.46 -18.85
N ASN D 116 -5.68 1.92 -19.99
CA ASN D 116 -5.20 1.43 -21.28
C ASN D 116 -3.89 2.08 -21.66
N VAL D 117 -3.76 3.34 -21.26
CA VAL D 117 -2.61 4.10 -21.62
C VAL D 117 -1.71 4.35 -20.40
N ASP D 118 -2.23 5.03 -19.39
CA ASP D 118 -1.37 5.43 -18.25
C ASP D 118 -0.80 4.18 -17.55
N GLY D 119 -1.64 3.17 -17.34
CA GLY D 119 -1.19 1.89 -16.71
C GLY D 119 -0.13 1.17 -17.52
N MET D 120 -0.32 1.13 -18.84
CA MET D 120 0.72 0.63 -19.73
C MET D 120 2.02 1.39 -19.54
N PHE D 121 1.99 2.71 -19.45
CA PHE D 121 3.20 3.49 -19.17
C PHE D 121 3.81 3.17 -17.79
N TRP D 122 3.02 3.12 -16.71
CA TRP D 122 3.58 2.90 -15.34
C TRP D 122 4.28 1.55 -15.28
N ALA D 123 3.59 0.55 -15.82
CA ALA D 123 4.07 -0.83 -15.87
C ALA D 123 5.34 -0.94 -16.72
N SER D 124 5.32 -0.30 -17.91
CA SER D 124 6.50 -0.28 -18.80
C SER D 124 7.69 0.43 -18.16
N ARG D 125 7.44 1.62 -17.59
CA ARG D 125 8.47 2.35 -16.87
C ARG D 125 9.00 1.49 -15.70
N ALA D 126 8.07 0.90 -14.98
CA ALA D 126 8.42 0.15 -13.81
C ALA D 126 9.27 -1.09 -14.09
N PHE D 127 8.81 -1.95 -14.99
CA PHE D 127 9.54 -3.16 -15.36
C PHE D 127 10.70 -2.95 -16.36
N GLY D 128 10.57 -1.93 -17.20
CA GLY D 128 11.59 -1.46 -18.14
C GLY D 128 12.92 -1.01 -17.54
N ARG D 129 12.84 -0.31 -16.39
CA ARG D 129 14.00 0.12 -15.60
C ARG D 129 15.14 -0.95 -15.56
N ALA D 130 14.82 -2.14 -15.06
CA ALA D 130 15.81 -3.23 -14.90
C ALA D 130 16.34 -3.81 -16.22
N MET D 131 15.44 -3.93 -17.22
CA MET D 131 15.76 -4.35 -18.59
C MET D 131 16.78 -3.49 -19.28
N VAL D 132 16.54 -2.18 -19.22
CA VAL D 132 17.41 -1.18 -19.76
C VAL D 132 18.78 -1.25 -19.06
N ALA D 133 18.78 -1.35 -17.71
CA ALA D 133 20.03 -1.54 -16.93
C ALA D 133 20.82 -2.78 -17.42
N ARG D 134 20.12 -3.89 -17.60
CA ARG D 134 20.67 -5.14 -18.08
C ARG D 134 21.07 -5.09 -19.56
N GLY D 135 20.70 -3.99 -20.23
CA GLY D 135 20.83 -3.88 -21.68
C GLY D 135 20.07 -4.94 -22.49
N ALA D 136 19.12 -5.63 -21.86
CA ALA D 136 18.31 -6.66 -22.54
C ALA D 136 16.84 -6.75 -22.10
N GLY D 137 15.96 -6.97 -23.08
CA GLY D 137 14.55 -7.20 -22.75
C GLY D 137 13.57 -7.13 -23.90
N ALA D 138 12.33 -7.50 -23.61
CA ALA D 138 11.28 -7.49 -24.63
C ALA D 138 9.97 -7.15 -23.98
N ILE D 139 9.26 -6.37 -24.58
CA ILE D 139 7.96 -5.96 -24.10
C ILE D 139 6.94 -6.14 -25.23
N VAL D 140 5.78 -6.50 -24.99
CA VAL D 140 4.72 -6.68 -25.95
C VAL D 140 3.44 -6.07 -25.38
N ASN D 141 2.96 -5.07 -26.08
CA ASN D 141 1.79 -4.29 -25.71
C ASN D 141 0.55 -4.78 -26.48
N LEU D 142 -0.57 -4.90 -25.76
CA LEU D 142 -1.83 -5.16 -26.50
C LEU D 142 -2.42 -3.86 -27.02
N GLY D 143 -2.07 -3.53 -28.27
CA GLY D 143 -2.70 -2.49 -29.03
C GLY D 143 -4.04 -3.02 -29.48
N SER D 144 -4.48 -2.70 -30.70
CA SER D 144 -5.81 -3.08 -31.20
C SER D 144 -5.93 -2.54 -32.62
N MET D 145 -6.67 -3.24 -33.49
CA MET D 145 -7.10 -2.60 -34.74
C MET D 145 -7.72 -1.21 -34.48
N SER D 146 -8.43 -1.06 -33.34
CA SER D 146 -8.99 0.24 -32.86
C SER D 146 -7.92 1.36 -32.67
N GLY D 147 -6.63 1.01 -32.65
CA GLY D 147 -5.57 2.01 -32.63
C GLY D 147 -5.23 2.52 -34.02
N THR D 148 -5.77 1.83 -35.03
CA THR D 148 -5.51 2.02 -36.46
C THR D 148 -6.78 2.54 -37.18
N ILE D 149 -7.93 1.93 -37.00
CA ILE D 149 -9.27 2.24 -37.51
C ILE D 149 -10.29 2.38 -36.36
N VAL D 150 -11.50 2.75 -36.80
CA VAL D 150 -12.62 2.98 -35.91
C VAL D 150 -13.62 1.84 -36.08
N ASN D 151 -13.92 1.17 -34.95
CA ASN D 151 -14.90 0.07 -34.88
C ASN D 151 -16.25 0.52 -35.37
N ARG D 152 -17.06 -0.48 -35.77
CA ARG D 152 -18.45 -0.25 -36.13
C ARG D 152 -19.35 -1.47 -35.90
N PRO D 153 -20.64 -1.23 -35.60
CA PRO D 153 -21.36 0.05 -35.54
C PRO D 153 -21.35 0.70 -34.16
N GLN D 154 -20.91 -0.01 -33.12
CA GLN D 154 -20.85 0.53 -31.76
C GLN D 154 -19.90 1.73 -31.58
N PHE D 155 -20.18 2.58 -30.58
CA PHE D 155 -19.25 3.69 -30.32
C PHE D 155 -18.49 3.56 -29.01
N ALA D 156 -17.20 3.89 -29.05
CA ALA D 156 -16.35 3.90 -27.88
C ALA D 156 -15.14 4.76 -28.23
N SER D 157 -15.35 6.07 -28.38
CA SER D 157 -14.26 7.01 -28.79
C SER D 157 -13.04 6.94 -27.87
N SER D 158 -13.26 6.86 -26.55
CA SER D 158 -12.18 6.67 -25.56
C SER D 158 -11.31 5.47 -25.89
N TYR D 159 -11.93 4.38 -26.32
CA TYR D 159 -11.23 3.18 -26.67
C TYR D 159 -10.33 3.40 -27.91
N MET D 160 -10.83 4.05 -28.95
CA MET D 160 -10.01 4.32 -30.15
C MET D 160 -8.84 5.22 -29.79
N ALA D 161 -9.14 6.25 -29.01
CA ALA D 161 -8.14 7.17 -28.53
C ALA D 161 -7.08 6.43 -27.72
N SER D 162 -7.48 5.60 -26.77
CA SER D 162 -6.53 4.87 -25.92
C SER D 162 -5.63 3.97 -26.76
N LYS D 163 -6.18 3.40 -27.83
CA LYS D 163 -5.37 2.54 -28.66
C LYS D 163 -4.40 3.25 -29.61
N GLY D 164 -4.78 4.39 -30.18
CA GLY D 164 -3.81 5.21 -30.92
C GLY D 164 -2.68 5.60 -30.01
N ALA D 165 -3.02 5.87 -28.75
CA ALA D 165 -2.02 6.18 -27.71
C ALA D 165 -1.11 4.96 -27.42
N VAL D 166 -1.71 3.80 -27.20
CA VAL D 166 -0.90 2.56 -27.05
C VAL D 166 0.11 2.36 -28.19
N HIS D 167 -0.34 2.55 -29.44
CA HIS D 167 0.56 2.30 -30.57
C HIS D 167 1.75 3.30 -30.59
N GLN D 168 1.47 4.54 -30.30
CA GLN D 168 2.53 5.55 -30.29
C GLN D 168 3.43 5.42 -29.06
N LEU D 169 2.89 5.00 -27.92
CA LEU D 169 3.75 4.69 -26.73
C LEU D 169 4.78 3.55 -27.01
N THR D 170 4.28 2.49 -27.63
CA THR D 170 5.11 1.39 -28.10
C THR D 170 6.29 1.89 -28.92
N ARG D 171 6.01 2.81 -29.85
CA ARG D 171 7.00 3.28 -30.77
C ARG D 171 8.00 4.24 -30.10
N ALA D 172 7.50 5.08 -29.22
CA ALA D 172 8.32 5.98 -28.39
C ALA D 172 9.35 5.24 -27.53
N LEU D 173 8.87 4.21 -26.85
CA LEU D 173 9.71 3.39 -26.01
C LEU D 173 10.64 2.51 -26.85
N ALA D 174 10.16 1.96 -27.97
CA ALA D 174 11.02 1.30 -28.91
C ALA D 174 12.21 2.24 -29.35
N ALA D 175 11.91 3.48 -29.72
CA ALA D 175 12.99 4.38 -30.18
C ALA D 175 13.95 4.68 -29.05
N GLU D 176 13.40 4.99 -27.88
CA GLU D 176 14.18 5.38 -26.72
C GLU D 176 15.16 4.30 -26.23
N TRP D 177 14.74 3.04 -26.22
CA TRP D 177 15.50 1.97 -25.58
C TRP D 177 16.17 1.00 -26.54
N ALA D 178 16.01 1.25 -27.84
CA ALA D 178 16.54 0.32 -28.82
C ALA D 178 18.08 0.26 -28.70
N GLY D 179 18.71 1.42 -28.54
CA GLY D 179 20.15 1.53 -28.30
C GLY D 179 20.61 0.69 -27.11
N ARG D 180 19.71 0.49 -26.12
CA ARG D 180 19.98 -0.26 -24.86
C ARG D 180 19.42 -1.71 -24.81
N GLY D 181 19.08 -2.27 -25.96
CA GLY D 181 18.84 -3.70 -26.09
C GLY D 181 17.40 -4.09 -25.76
N VAL D 182 16.54 -3.10 -25.58
CA VAL D 182 15.14 -3.46 -25.16
C VAL D 182 14.20 -3.24 -26.35
N ARG D 183 13.47 -4.28 -26.76
CA ARG D 183 12.48 -4.20 -27.86
C ARG D 183 11.08 -3.99 -27.32
N VAL D 184 10.33 -3.13 -27.99
CA VAL D 184 8.96 -2.77 -27.64
C VAL D 184 8.15 -2.84 -28.92
N ASN D 185 7.18 -3.78 -28.94
CA ASN D 185 6.26 -3.92 -30.09
C ASN D 185 4.85 -4.07 -29.56
N ALA D 186 3.87 -3.89 -30.47
CA ALA D 186 2.44 -4.02 -30.13
C ALA D 186 1.74 -5.04 -31.02
N LEU D 187 0.77 -5.75 -30.43
CA LEU D 187 -0.17 -6.53 -31.21
C LEU D 187 -1.36 -5.62 -31.47
N ALA D 188 -1.88 -5.64 -32.68
CA ALA D 188 -3.19 -5.02 -32.95
C ALA D 188 -4.29 -6.09 -33.25
N PRO D 189 -4.82 -6.76 -32.22
CA PRO D 189 -5.81 -7.78 -32.53
C PRO D 189 -7.08 -7.20 -33.16
N GLY D 190 -7.74 -8.01 -33.98
CA GLY D 190 -9.13 -7.74 -34.37
C GLY D 190 -10.03 -8.28 -33.26
N TYR D 191 -11.28 -8.59 -33.60
CA TYR D 191 -12.18 -9.22 -32.62
C TYR D 191 -11.71 -10.58 -32.13
N VAL D 192 -11.70 -10.73 -30.81
CA VAL D 192 -11.22 -11.99 -30.22
C VAL D 192 -12.29 -12.56 -29.27
N ALA D 193 -12.49 -13.87 -29.38
CA ALA D 193 -13.48 -14.62 -28.63
C ALA D 193 -13.10 -14.75 -27.13
N THR D 194 -13.21 -13.62 -26.41
CA THR D 194 -12.89 -13.51 -24.98
C THR D 194 -13.99 -12.80 -24.20
N GLU D 195 -13.91 -12.99 -22.89
CA GLU D 195 -14.57 -12.23 -21.81
C GLU D 195 -14.95 -10.76 -22.07
N MET D 196 -13.99 -9.91 -22.42
CA MET D 196 -14.21 -8.48 -22.72
C MET D 196 -15.32 -8.23 -23.77
N THR D 197 -15.45 -9.18 -24.70
CA THR D 197 -16.33 -9.07 -25.87
C THR D 197 -17.56 -9.97 -25.84
N LEU D 198 -17.77 -10.67 -24.71
CA LEU D 198 -18.82 -11.70 -24.53
C LEU D 198 -20.24 -11.15 -24.61
N LYS D 199 -20.58 -10.21 -23.72
CA LYS D 199 -21.86 -9.47 -23.76
C LYS D 199 -22.19 -8.90 -25.17
N MET D 200 -21.16 -8.35 -25.83
CA MET D 200 -21.29 -7.78 -27.19
C MET D 200 -21.54 -8.84 -28.29
N ARG D 201 -20.83 -9.96 -28.23
CA ARG D 201 -20.93 -11.01 -29.24
C ARG D 201 -22.30 -11.71 -29.25
N GLU D 202 -23.06 -11.53 -28.17
CA GLU D 202 -24.42 -12.04 -28.04
C GLU D 202 -25.49 -11.04 -28.55
N ARG D 203 -25.07 -9.79 -28.78
CA ARG D 203 -25.93 -8.73 -29.35
C ARG D 203 -25.97 -8.86 -30.86
N PRO D 204 -27.15 -9.19 -31.41
CA PRO D 204 -27.29 -9.51 -32.82
C PRO D 204 -26.63 -8.47 -33.75
N GLU D 205 -27.10 -7.22 -33.64
CA GLU D 205 -26.76 -6.11 -34.55
C GLU D 205 -25.30 -5.63 -34.52
N LEU D 206 -24.49 -6.23 -33.65
CA LEU D 206 -23.07 -5.94 -33.55
C LEU D 206 -22.24 -7.05 -34.15
N PHE D 207 -22.40 -8.27 -33.61
CA PHE D 207 -21.62 -9.46 -34.01
C PHE D 207 -21.69 -9.79 -35.52
N GLU D 208 -22.86 -9.63 -36.13
CA GLU D 208 -22.99 -9.84 -37.57
C GLU D 208 -22.26 -8.82 -38.45
N THR D 209 -22.21 -7.55 -38.01
CA THR D 209 -21.39 -6.52 -38.69
C THR D 209 -19.88 -6.75 -38.54
N TRP D 210 -19.49 -7.19 -37.35
CA TRP D 210 -18.09 -7.57 -37.06
C TRP D 210 -17.58 -8.61 -38.06
N LEU D 211 -18.32 -9.72 -38.14
CA LEU D 211 -17.98 -10.87 -38.98
C LEU D 211 -18.03 -10.48 -40.43
N ASP D 212 -18.97 -9.60 -40.76
CA ASP D 212 -19.12 -9.11 -42.12
C ASP D 212 -17.92 -8.28 -42.59
N MET D 213 -17.33 -7.56 -41.65
CA MET D 213 -16.23 -6.61 -41.88
C MET D 213 -14.86 -7.29 -41.84
N THR D 214 -14.83 -8.58 -41.46
CA THR D 214 -13.62 -9.42 -41.30
C THR D 214 -13.50 -10.41 -42.47
N PRO D 215 -12.48 -10.26 -43.37
CA PRO D 215 -12.26 -11.21 -44.50
C PRO D 215 -12.25 -12.72 -44.17
N MET D 216 -11.73 -13.06 -43.00
CA MET D 216 -11.71 -14.47 -42.61
C MET D 216 -13.08 -14.98 -42.15
N GLY D 217 -14.00 -14.03 -41.90
CA GLY D 217 -15.42 -14.30 -41.57
C GLY D 217 -15.58 -14.86 -40.17
N ARG D 218 -14.65 -14.55 -39.29
CA ARG D 218 -14.65 -15.20 -37.98
C ARG D 218 -13.85 -14.40 -37.03
N CYS D 219 -14.17 -14.56 -35.75
CA CYS D 219 -13.40 -14.08 -34.63
C CYS D 219 -12.07 -14.83 -34.48
N GLY D 220 -11.06 -14.15 -33.93
CA GLY D 220 -9.82 -14.83 -33.49
C GLY D 220 -10.06 -15.60 -32.19
N GLU D 221 -9.31 -16.69 -32.04
CA GLU D 221 -9.23 -17.38 -30.77
C GLU D 221 -8.08 -16.79 -29.93
N PRO D 222 -8.21 -16.77 -28.59
CA PRO D 222 -7.06 -16.28 -27.79
C PRO D 222 -5.69 -16.95 -28.12
N SER D 223 -5.66 -18.25 -28.45
CA SER D 223 -4.36 -18.91 -28.75
C SER D 223 -3.69 -18.27 -29.97
N GLU D 224 -4.49 -17.72 -30.87
CA GLU D 224 -3.96 -17.10 -32.07
C GLU D 224 -3.33 -15.73 -31.79
N ILE D 225 -3.77 -15.27 -30.76
CA ILE D 225 -3.22 -13.99 -30.30
C ILE D 225 -1.98 -14.33 -29.49
N ALA D 226 -2.06 -15.23 -28.70
CA ALA D 226 -0.97 -15.69 -27.80
C ALA D 226 0.32 -16.13 -28.54
N ALA D 227 0.14 -16.86 -29.63
CA ALA D 227 1.27 -17.27 -30.47
C ALA D 227 2.05 -16.08 -31.10
N ALA D 228 1.35 -15.04 -31.46
CA ALA D 228 1.96 -13.81 -32.01
C ALA D 228 2.70 -13.05 -30.96
N ALA D 229 2.05 -12.88 -29.79
CA ALA D 229 2.68 -12.36 -28.57
C ALA D 229 3.99 -13.09 -28.31
N LEU D 230 3.95 -14.42 -28.44
CA LEU D 230 5.08 -15.28 -28.22
C LEU D 230 6.21 -15.11 -29.25
N PHE D 231 5.87 -14.95 -30.52
CA PHE D 231 6.83 -14.53 -31.54
C PHE D 231 7.51 -13.21 -31.19
N LEU D 232 6.71 -12.18 -30.91
CA LEU D 232 7.25 -10.84 -30.58
C LEU D 232 8.16 -10.83 -29.32
N ALA D 233 7.78 -11.62 -28.33
CA ALA D 233 8.55 -11.74 -27.07
C ALA D 233 9.84 -12.56 -27.19
N SER D 234 9.92 -13.49 -28.17
CA SER D 234 11.03 -14.44 -28.35
C SER D 234 12.25 -13.87 -29.09
N PRO D 235 13.43 -14.58 -29.07
CA PRO D 235 14.58 -14.16 -29.89
C PRO D 235 14.30 -14.19 -31.40
N ALA D 236 13.25 -14.86 -31.84
CA ALA D 236 12.90 -14.89 -33.26
C ALA D 236 12.63 -13.47 -33.79
N ALA D 237 12.13 -12.61 -32.92
CA ALA D 237 11.82 -11.24 -33.31
C ALA D 237 12.94 -10.31 -32.91
N SER D 238 14.16 -10.81 -32.85
CA SER D 238 15.27 -10.00 -32.42
C SER D 238 15.48 -8.74 -33.29
N TYR D 239 14.96 -8.65 -34.52
CA TYR D 239 15.16 -7.43 -35.36
C TYR D 239 13.84 -6.67 -35.46
N VAL D 240 12.89 -7.06 -34.65
CA VAL D 240 11.58 -6.38 -34.65
C VAL D 240 11.51 -5.45 -33.43
N THR D 241 11.44 -4.14 -33.66
CA THR D 241 11.06 -3.21 -32.57
C THR D 241 10.22 -2.06 -33.12
N GLY D 242 9.29 -1.56 -32.31
CA GLY D 242 8.36 -0.51 -32.70
C GLY D 242 7.40 -0.88 -33.78
N ALA D 243 7.22 -2.19 -34.01
CA ALA D 243 6.28 -2.67 -35.02
C ALA D 243 4.90 -2.75 -34.38
N ILE D 244 3.88 -2.64 -35.21
CA ILE D 244 2.51 -2.83 -34.84
C ILE D 244 1.99 -3.99 -35.63
N LEU D 245 1.76 -5.07 -34.94
CA LEU D 245 1.44 -6.31 -35.64
C LEU D 245 -0.08 -6.60 -35.72
N ALA D 246 -0.65 -6.40 -36.91
CA ALA D 246 -2.04 -6.72 -37.17
C ALA D 246 -2.38 -8.22 -37.11
N VAL D 247 -3.27 -8.54 -36.19
CA VAL D 247 -3.74 -9.95 -36.03
C VAL D 247 -5.26 -9.93 -35.96
N ASP D 248 -5.88 -9.76 -37.12
CA ASP D 248 -7.23 -9.26 -37.21
C ASP D 248 -8.11 -9.95 -38.23
N GLY D 249 -7.61 -11.06 -38.75
CA GLY D 249 -8.30 -11.83 -39.77
C GLY D 249 -8.46 -11.01 -41.03
N GLY D 250 -7.64 -9.97 -41.17
CA GLY D 250 -7.71 -9.08 -42.31
C GLY D 250 -8.60 -7.84 -42.25
N TYR D 251 -9.10 -7.55 -41.06
CA TYR D 251 -10.01 -6.40 -40.81
C TYR D 251 -9.49 -5.07 -41.36
N THR D 252 -8.21 -4.78 -41.08
CA THR D 252 -7.62 -3.52 -41.49
C THR D 252 -7.25 -3.43 -42.98
N VAL D 253 -7.45 -4.50 -43.74
CA VAL D 253 -7.16 -4.56 -45.18
C VAL D 253 -8.25 -3.86 -46.01
N TRP D 254 -9.51 -4.04 -45.61
CA TRP D 254 -10.67 -3.44 -46.29
C TRP D 254 -10.89 -2.04 -45.76
MG MG E . -3.63 -24.30 36.24
PA NAD F . -7.11 -18.96 12.59
O1A NAD F . -8.29 -18.05 12.71
O2A NAD F . -7.22 -20.39 12.23
O5B NAD F . -6.09 -18.24 11.57
C5B NAD F . -4.95 -18.98 11.14
C4B NAD F . -4.46 -18.39 9.83
O4B NAD F . -3.21 -19.01 9.53
C3B NAD F . -5.48 -18.80 8.76
O3B NAD F . -5.75 -17.63 7.97
C2B NAD F . -4.78 -19.92 7.96
O2B NAD F . -5.12 -19.85 6.58
C1B NAD F . -3.28 -19.51 8.18
N9A NAD F . -2.33 -20.67 7.94
C8A NAD F . -2.46 -21.93 8.43
N7A NAD F . -1.45 -22.71 8.00
C5A NAD F . -0.69 -21.92 7.23
C6A NAD F . 0.50 -22.13 6.49
N6A NAD F . 1.09 -23.34 6.49
N1A NAD F . 1.02 -21.09 5.80
C2A NAD F . 0.49 -19.88 5.81
N3A NAD F . -0.65 -19.62 6.47
C4A NAD F . -1.25 -20.63 7.19
O3 NAD F . -6.20 -18.94 14.04
PN NAD F . -6.01 -17.73 15.19
O1N NAD F . -6.11 -16.58 14.23
O2N NAD F . -7.14 -18.34 15.96
O5D NAD F . -4.56 -18.33 15.57
C5D NAD F . -3.35 -17.72 15.17
C4D NAD F . -2.25 -18.08 16.16
O4D NAD F . -2.70 -17.78 17.54
C3D NAD F . -2.01 -19.59 16.06
O3D NAD F . -0.64 -19.84 16.24
C2D NAD F . -2.77 -20.14 17.27
O2D NAD F . -2.23 -21.42 17.63
C1D NAD F . -2.57 -19.01 18.32
N1N NAD F . -3.56 -19.06 19.43
C2N NAD F . -5.02 -19.06 19.21
C3N NAD F . -5.88 -19.13 20.32
C7N NAD F . -7.36 -19.14 20.06
O7N NAD F . -7.80 -18.64 18.87
N7N NAD F . -8.17 -19.70 20.98
C4N NAD F . -5.34 -19.22 21.62
C5N NAD F . -3.96 -19.23 21.79
C6N NAD F . -3.08 -19.12 20.72
C3 1SP G . -6.25 -24.50 21.08
O2 1SP G . -7.38 -22.46 21.65
C4 1SP G . -7.18 -25.70 20.79
C1 1SP G . -5.68 -23.24 23.26
O1 1SP G . -4.89 -22.09 22.90
C5 1SP G . -7.00 -26.81 21.83
C2 1SP G . -6.77 -23.62 22.22
C3 1SP H . -4.69 -12.95 -4.80
O2 1SP H . -6.75 -14.46 -5.27
C4 1SP H . -4.96 -13.28 -3.33
C1 1SP H . -4.64 -14.75 -6.43
O1 1SP H . -4.28 -15.70 -5.44
C5 1SP H . -5.69 -12.10 -2.72
C2 1SP H . -5.55 -13.75 -5.81
MG MG I . 19.02 -17.40 34.16
PA NAD J . 13.38 4.18 44.09
O1A NAD J . 13.89 5.09 43.01
O2A NAD J . 14.06 3.98 45.39
O5B NAD J . 11.89 4.74 44.42
C5B NAD J . 11.22 4.12 45.55
C4B NAD J . 10.23 5.14 46.13
O4B NAD J . 9.37 4.39 47.10
C3B NAD J . 10.89 6.35 46.83
O3B NAD J . 10.18 7.52 46.41
C2B NAD J . 10.68 6.09 48.33
O2B NAD J . 10.44 7.34 49.04
C1B NAD J . 9.42 5.21 48.34
N9A NAD J . 9.32 4.34 49.51
C8A NAD J . 10.19 3.47 50.01
N7A NAD J . 9.65 2.93 51.07
C5A NAD J . 8.42 3.43 51.24
C6A NAD J . 7.36 3.27 52.14
N6A NAD J . 7.44 2.46 53.15
N1A NAD J . 6.23 4.00 51.96
C2A NAD J . 6.10 4.87 50.96
N3A NAD J . 7.06 5.08 50.07
C4A NAD J . 8.23 4.36 50.21
O3 NAD J . 12.93 2.71 43.42
PN NAD J . 12.60 2.29 41.87
O1N NAD J . 11.87 3.54 41.58
O2N NAD J . 14.01 2.11 41.59
O5D NAD J . 11.84 1.01 42.53
C5D NAD J . 10.40 0.97 42.40
C4D NAD J . 9.79 -0.40 42.40
O4D NAD J . 10.16 -1.29 41.25
C3D NAD J . 10.23 -1.09 43.69
O3D NAD J . 9.17 -1.94 44.13
C2D NAD J . 11.48 -1.88 43.21
O2D NAD J . 11.75 -2.95 44.11
C1D NAD J . 11.07 -2.34 41.77
N1N NAD J . 12.22 -2.64 40.88
C2N NAD J . 13.27 -1.74 40.69
C3N NAD J . 14.33 -2.12 39.86
C7N NAD J . 15.50 -1.18 39.62
O7N NAD J . 15.32 0.13 39.99
N7N NAD J . 16.63 -1.73 39.09
C4N NAD J . 14.37 -3.38 39.25
C5N NAD J . 13.32 -4.27 39.47
C6N NAD J . 12.25 -3.89 40.28
C3 1SP K . 18.02 -4.74 42.84
O2 1SP K . 17.32 -3.84 40.70
C4 1SP K . 19.47 -5.16 43.22
C1 1SP K . 16.46 -5.98 41.26
O1 1SP K . 16.65 -7.03 40.30
C5 1SP K . 19.49 -6.14 44.40
C2 1SP K . 17.68 -5.04 41.37
MG MG L . 10.71 8.07 -40.88
PA NAD M . -10.31 -9.28 -20.66
O1A NAD M . -10.67 -10.68 -20.93
O2A NAD M . -11.33 -8.32 -20.14
O5B NAD M . -9.01 -9.30 -19.62
C5B NAD M . -8.43 -8.10 -19.18
C4B NAD M . -7.82 -8.31 -17.79
O4B NAD M . -7.16 -7.06 -17.44
C3B NAD M . -8.87 -8.63 -16.70
O3B NAD M . -8.48 -9.82 -16.02
C2B NAD M . -8.83 -7.39 -15.79
O2B NAD M . -9.00 -7.69 -14.38
C1B NAD M . -7.43 -6.79 -16.04
N9A NAD M . -7.47 -5.33 -15.66
C8A NAD M . -8.34 -4.39 -16.12
N7A NAD M . -8.06 -3.23 -15.56
C5A NAD M . -7.01 -3.41 -14.75
C6A NAD M . -6.28 -2.59 -13.91
N6A NAD M . -6.63 -1.29 -13.83
N1A NAD M . -5.25 -3.10 -13.21
C2A NAD M . -4.89 -4.37 -13.28
N3A NAD M . -5.56 -5.21 -14.08
C4A NAD M . -6.62 -4.75 -14.81
O3 NAD M . -9.65 -8.63 -22.04
PN NAD M . -8.82 -9.39 -23.34
O1N NAD M . -8.33 -10.56 -22.57
O2N NAD M . -10.10 -9.42 -24.13
O5D NAD M . -7.98 -7.94 -23.27
C5D NAD M . -6.54 -7.98 -23.45
C4D NAD M . -6.01 -6.73 -24.19
O4D NAD M . -6.23 -6.98 -25.62
C3D NAD M . -6.74 -5.39 -23.80
O3D NAD M . -5.86 -4.24 -23.88
C2D NAD M . -7.74 -5.26 -24.93
O2D NAD M . -8.13 -3.88 -25.04
C1D NAD M . -6.89 -5.78 -26.14
N1N NAD M . -7.73 -6.15 -27.28
C2N NAD M . -8.79 -7.08 -27.12
C3N NAD M . -9.62 -7.42 -28.20
C7N NAD M . -10.76 -8.45 -28.03
O7N NAD M . -10.80 -9.38 -27.04
N7N NAD M . -11.73 -8.38 -28.93
C4N NAD M . -9.37 -6.82 -29.44
C5N NAD M . -8.35 -5.89 -29.61
C6N NAD M . -7.52 -5.55 -28.54
C3 1SP N . -13.55 -2.84 -28.95
O2 1SP N . -13.27 -5.06 -28.14
C4 1SP N . -15.07 -2.69 -28.79
C1 1SP N . -11.65 -4.30 -29.84
O1 1SP N . -11.52 -4.31 -31.29
C5 1SP N . -15.40 -1.26 -28.36
C2 1SP N . -13.13 -4.26 -29.32
MG MG O . -11.09 -0.14 -43.25
PA NAD P . 2.14 27.33 -28.29
O1A NAD P . 2.83 28.41 -29.05
O2A NAD P . 2.69 26.86 -26.98
O5B NAD P . 0.58 27.64 -28.03
C5B NAD P . -0.27 26.72 -27.32
C4B NAD P . -1.49 27.51 -26.74
O4B NAD P . -2.35 26.55 -26.05
C3B NAD P . -0.98 28.54 -25.72
O3B NAD P . -1.55 29.84 -25.94
C2B NAD P . -1.38 27.96 -24.38
O2B NAD P . -1.64 29.01 -23.43
C1B NAD P . -2.65 27.12 -24.75
N9A NAD P . -2.98 26.09 -23.71
C8A NAD P . -2.18 25.16 -23.13
N7A NAD P . -2.87 24.46 -22.23
C5A NAD P . -4.12 24.95 -22.22
C6A NAD P . -5.28 24.63 -21.54
N6A NAD P . -5.30 23.66 -20.63
N1A NAD P . -6.39 25.33 -21.81
C2A NAD P . -6.42 26.28 -22.72
N3A NAD P . -5.34 26.65 -23.40
C4A NAD P . -4.18 25.98 -23.17
O3 NAD P . 1.90 25.99 -29.27
PN NAD P . 1.66 25.86 -30.93
O1N NAD P . 0.86 27.16 -30.95
O2N NAD P . 3.10 25.78 -31.13
O5D NAD P . 0.86 24.44 -30.54
C5D NAD P . -0.49 24.23 -30.99
C4D NAD P . -0.73 22.75 -31.35
O4D NAD P . 0.21 22.31 -32.39
C3D NAD P . -0.50 21.86 -30.14
O3D NAD P . -1.50 20.81 -30.06
C2D NAD P . 0.85 21.24 -30.44
O2D NAD P . 0.95 20.01 -29.75
C1D NAD P . 0.79 21.09 -31.96
N1N NAD P . 2.05 21.05 -32.72
C2N NAD P . 3.05 22.08 -32.63
C3N NAD P . 4.22 21.97 -33.39
C7N NAD P . 5.32 23.01 -33.31
O7N NAD P . 5.03 24.30 -32.91
N7N NAD P . 6.56 22.57 -33.61
C4N NAD P . 4.44 20.88 -34.23
C5N NAD P . 3.46 19.88 -34.33
C6N NAD P . 2.27 19.96 -33.58
C3 1SP Q . 8.57 18.71 -30.73
O2 1SP Q . 6.55 20.10 -31.01
C4 1SP Q . 8.08 18.01 -29.45
C1 1SP Q . 6.64 18.00 -32.34
O1 1SP Q . 6.68 17.97 -33.78
C5 1SP Q . 9.12 17.06 -28.88
C2 1SP Q . 7.44 19.19 -31.70
#